data_9ME7
#
_entry.id   9ME7
#
_cell.length_a   1.00
_cell.length_b   1.00
_cell.length_c   1.00
_cell.angle_alpha   90.00
_cell.angle_beta   90.00
_cell.angle_gamma   90.00
#
_symmetry.space_group_name_H-M   'P 1'
#
loop_
_entity.id
_entity.type
_entity.pdbx_description
1 polymer 'Type 1 fimbrin D-mannose specific adhesin'
2 polymer 'mAb824 Heavy Chain Fragment'
3 polymer 'mAb21 Heavy Chain Fragment'
4 polymer 'mAb824 Light Chain Fragment'
5 polymer 'mAb21 Light Chain Fragment'
6 non-polymer 'methyl alpha-D-mannopyranoside'
#
loop_
_entity_poly.entity_id
_entity_poly.type
_entity_poly.pdbx_seq_one_letter_code
_entity_poly.pdbx_strand_id
1 'polypeptide(L)'
;MKRVITLFAVLLMGWSVNAWSFACKTANGTAIPIGGGSANVYVNLAPVVNVGQNLVVDLSTQIFCHNDYPETITDYVTLQ
RGSAYGGVLSNFSGTVKYSGSSYPFPTTSETPRVVYNSRTDKPWPVALYLTPVSSAGGVAIKAGSLIAVLILRQTNNYNS
DDFQFVWNIYANNDVVVPTGGCDVSARDVTVTLPDYPGSVPIPLTVYCAKSQNLGYYLSGTTADAGNSIFTNTASFSPAQ
GVGVQLTRNGTIIPANNTVSLGAVGTSAVSLGLTANYARTGGQVTAGNVQSIIGVTFVYQ
;
A
2 'polypeptide(L)'
;EIQLQQSGPERMKPGASVKISCKASGYSFTTYYIHWVKQSHGRSLEWIGYIDPFNDDTNYNQKFKGKATLTVDKSSSTAY
MHLSSLTSEDSAVYYCARSYYGSLDYWGQGTTLTVSSAKTTPPSVYPLAPGSAAQTNSMVTLGCLVKGYFPEPVTVTWNS
GSLSSGVHTFPAVLQSDLYTLSSSVTVPSSTWPSETVTCNVAHPASST
;
I
3 'polypeptide(L)'
;EVLLKQSGPEKVKPGASVKIPCKASGYTFTDYNIDWVKQSHGTSLEWIGHLDPNSGGTVYNQKFRGKATLTVDKSSSTAY
LELRSLTSEDTAVYYCARSTMGVYRSDGYYAMDYWGQGTSVTVSSAKTTPPSVYPLAPGCGDTTGSSVTLGCLVKGYFPE
SVTVTWNSGSLSSSVHTFPALLQSGLYTMSSSVTVPSS
;
J
4 'polypeptide(L)'
;DIQMTQTTSSLSASLGDRVTISCRASQGVNNYLNWYQQKPDGSVKLLIYYTSNLHSGAPSRFSGSGSGTDYSLTISNLEQ
EDIATYFCQQANMVPWTFGGGTKLEIKRADAAPTVSIFPPSSEQLTSGGASVVCFLNNFYPKDINVKWKIDGSERQNGVL
NSWTDQDSKDSTYSMSSTLTLTKDEYERHNSYTCEAR
;
M
5 'polypeptide(L)'
;QIVLTQSPAIMSASLGEEITLTCSASSSISYMHWYQQKSGTSPKILIYSTSNQASGVPSRFSGSGSGTFYSLTISSVEAE
DAADYYCHQWSSYPWTFGGGTKLEIKRADAAPTVSIFPPSSEQLTSGGASVVCFLNNFYPKDINVKWKIDGSERQNGVLN
SWTDQDSKDSTYSMSSTLTLTK
;
N
#
loop_
_chem_comp.id
_chem_comp.type
_chem_comp.name
_chem_comp.formula
MMA D-saccharide 'methyl alpha-D-mannopyranoside' 'C7 H14 O6'
#
# COMPACT_ATOMS: atom_id res chain seq x y z
N PHE A 22 -1.91 17.46 -31.63
CA PHE A 22 -2.09 16.51 -30.57
C PHE A 22 -2.23 15.13 -31.17
N ALA A 23 -1.40 14.20 -30.72
CA ALA A 23 -1.54 12.81 -31.12
C ALA A 23 -1.20 11.93 -29.93
N CYS A 24 -1.70 10.70 -29.96
CA CYS A 24 -1.46 9.71 -28.92
C CYS A 24 -1.00 8.41 -29.55
N LYS A 25 -0.27 7.62 -28.77
CA LYS A 25 0.17 6.30 -29.18
C LYS A 25 0.31 5.41 -27.96
N THR A 26 0.28 4.09 -28.18
CA THR A 26 0.44 3.16 -27.07
C THR A 26 1.90 2.76 -26.89
N ALA A 27 2.13 1.86 -25.94
CA ALA A 27 3.49 1.41 -25.65
C ALA A 27 4.06 0.55 -26.77
N ASN A 28 3.20 -0.17 -27.49
CA ASN A 28 3.70 -0.98 -28.60
C ASN A 28 3.84 -0.20 -29.90
N GLY A 29 3.51 1.09 -29.91
CA GLY A 29 3.80 1.94 -31.04
C GLY A 29 2.65 2.25 -31.97
N THR A 30 1.46 1.69 -31.74
CA THR A 30 0.31 2.04 -32.56
C THR A 30 -0.14 3.45 -32.25
N ALA A 31 -0.35 4.24 -33.29
CA ALA A 31 -0.68 5.65 -33.12
C ALA A 31 -2.13 5.93 -33.50
N ILE A 32 -2.63 7.06 -33.02
CA ILE A 32 -3.84 7.68 -33.52
C ILE A 32 -3.43 9.02 -34.10
N PRO A 33 -3.70 9.30 -35.36
CA PRO A 33 -3.22 10.53 -35.97
C PRO A 33 -3.95 11.75 -35.41
N ILE A 34 -3.58 12.92 -35.94
CA ILE A 34 -4.29 14.14 -35.59
C ILE A 34 -5.72 14.05 -36.07
N GLY A 35 -6.66 14.34 -35.19
CA GLY A 35 -8.07 14.35 -35.52
C GLY A 35 -8.89 13.29 -34.83
N GLY A 36 -8.26 12.34 -34.17
CA GLY A 36 -9.00 11.30 -33.50
C GLY A 36 -8.96 10.00 -34.24
N GLY A 37 -9.49 8.97 -33.59
CA GLY A 37 -9.48 7.64 -34.18
C GLY A 37 -9.82 6.59 -33.15
N SER A 38 -9.22 5.42 -33.31
CA SER A 38 -9.41 4.31 -32.40
C SER A 38 -8.16 3.44 -32.37
N ALA A 39 -8.02 2.67 -31.31
CA ALA A 39 -6.89 1.76 -31.16
C ALA A 39 -7.24 0.67 -30.16
N ASN A 40 -6.42 -0.38 -30.13
CA ASN A 40 -6.61 -1.49 -29.22
C ASN A 40 -5.44 -1.57 -28.25
N VAL A 41 -5.74 -1.93 -27.00
CA VAL A 41 -4.76 -2.08 -25.94
C VAL A 41 -4.96 -3.44 -25.29
N TYR A 42 -3.88 -4.20 -25.16
CA TYR A 42 -3.92 -5.50 -24.49
C TYR A 42 -3.10 -5.37 -23.21
N VAL A 43 -3.72 -5.71 -22.08
CA VAL A 43 -3.17 -5.38 -20.78
C VAL A 43 -2.94 -6.66 -19.98
N ASN A 44 -1.78 -6.77 -19.37
CA ASN A 44 -1.48 -7.85 -18.46
C ASN A 44 -2.13 -7.55 -17.12
N LEU A 45 -2.83 -8.53 -16.57
CA LEU A 45 -3.54 -8.38 -15.32
C LEU A 45 -3.02 -9.42 -14.34
N ALA A 46 -3.39 -9.25 -13.09
CA ALA A 46 -3.03 -10.24 -12.08
C ALA A 46 -3.84 -11.51 -12.32
N PRO A 47 -3.29 -12.67 -12.02
CA PRO A 47 -4.01 -13.92 -12.32
C PRO A 47 -5.13 -14.23 -11.37
N VAL A 48 -4.98 -13.84 -10.11
CA VAL A 48 -5.98 -14.02 -9.08
C VAL A 48 -6.25 -12.70 -8.41
N VAL A 49 -7.51 -12.44 -8.09
CA VAL A 49 -7.90 -11.35 -7.20
C VAL A 49 -8.83 -11.95 -6.15
N ASN A 50 -8.44 -11.82 -4.88
CA ASN A 50 -9.23 -12.39 -3.80
C ASN A 50 -10.50 -11.58 -3.57
N VAL A 51 -11.43 -12.18 -2.84
CA VAL A 51 -12.62 -11.46 -2.40
C VAL A 51 -12.21 -10.34 -1.45
N GLY A 52 -12.63 -9.13 -1.76
CA GLY A 52 -12.25 -7.97 -0.98
C GLY A 52 -10.99 -7.27 -1.43
N GLN A 53 -10.38 -7.70 -2.52
CA GLN A 53 -9.16 -7.10 -3.03
C GLN A 53 -9.43 -6.39 -4.35
N ASN A 54 -8.42 -5.68 -4.85
CA ASN A 54 -8.56 -4.86 -6.05
C ASN A 54 -7.82 -5.46 -7.23
N LEU A 55 -8.40 -5.32 -8.41
CA LEU A 55 -7.73 -5.62 -9.66
C LEU A 55 -7.33 -4.32 -10.30
N VAL A 56 -6.05 -4.01 -10.28
CA VAL A 56 -5.53 -2.74 -10.77
C VAL A 56 -5.25 -2.86 -12.26
N VAL A 57 -5.92 -2.02 -13.05
CA VAL A 57 -5.63 -1.89 -14.46
C VAL A 57 -5.01 -0.52 -14.71
N ASP A 58 -3.68 -0.47 -14.71
CA ASP A 58 -2.97 0.79 -14.92
C ASP A 58 -2.78 1.05 -16.40
N LEU A 59 -3.22 2.20 -16.86
CA LEU A 59 -3.12 2.59 -18.25
C LEU A 59 -2.19 3.78 -18.47
N SER A 60 -1.55 4.27 -17.42
CA SER A 60 -0.58 5.35 -17.59
C SER A 60 0.71 4.84 -18.22
N THR A 61 1.06 3.58 -17.97
CA THR A 61 2.24 2.99 -18.57
C THR A 61 2.02 2.56 -20.01
N GLN A 62 0.78 2.68 -20.52
CA GLN A 62 0.40 2.18 -21.82
C GLN A 62 0.09 3.27 -22.84
N ILE A 63 -0.62 4.31 -22.45
CA ILE A 63 -1.13 5.31 -23.37
C ILE A 63 -0.35 6.60 -23.16
N PHE A 64 0.23 7.12 -24.25
CA PHE A 64 1.05 8.32 -24.20
C PHE A 64 0.54 9.33 -25.22
N CYS A 65 0.57 10.61 -24.86
CA CYS A 65 0.04 11.66 -25.72
C CYS A 65 0.99 12.85 -25.73
N HIS A 66 0.95 13.63 -26.81
CA HIS A 66 1.84 14.77 -26.95
C HIS A 66 1.14 15.89 -27.69
N ASN A 67 1.74 17.07 -27.64
CA ASN A 67 1.19 18.29 -28.20
C ASN A 67 2.15 18.81 -29.27
N ASP A 68 1.64 19.10 -30.46
CA ASP A 68 2.51 19.45 -31.58
C ASP A 68 3.00 20.89 -31.55
N TYR A 69 2.22 21.84 -31.03
CA TYR A 69 2.60 23.25 -31.06
C TYR A 69 2.48 23.86 -29.66
N PRO A 70 3.39 23.49 -28.75
CA PRO A 70 3.33 24.04 -27.39
C PRO A 70 3.61 25.52 -27.34
N GLU A 71 4.24 26.09 -28.36
CA GLU A 71 4.61 27.50 -28.31
C GLU A 71 3.40 28.42 -28.38
N THR A 72 2.28 27.96 -28.96
CA THR A 72 1.14 28.84 -29.15
C THR A 72 -0.21 28.22 -28.82
N ILE A 73 -0.32 26.93 -28.57
CA ILE A 73 -1.60 26.29 -28.30
C ILE A 73 -1.49 25.50 -27.01
N THR A 74 -2.57 25.50 -26.23
CA THR A 74 -2.69 24.66 -25.05
C THR A 74 -3.82 23.66 -25.28
N ASP A 75 -3.58 22.41 -24.90
CA ASP A 75 -4.52 21.32 -25.11
C ASP A 75 -5.11 20.85 -23.79
N TYR A 76 -6.42 20.66 -23.76
CA TYR A 76 -7.12 20.18 -22.58
C TYR A 76 -7.69 18.80 -22.88
N VAL A 77 -7.39 17.83 -22.03
CA VAL A 77 -7.72 16.42 -22.28
C VAL A 77 -8.56 15.90 -21.12
N THR A 78 -9.74 15.37 -21.44
CA THR A 78 -10.64 14.83 -20.43
C THR A 78 -11.10 13.43 -20.82
N LEU A 79 -11.46 12.64 -19.81
CA LEU A 79 -12.04 11.32 -20.03
C LEU A 79 -13.55 11.51 -20.15
N GLN A 80 -14.06 11.48 -21.38
CA GLN A 80 -15.45 11.84 -21.61
C GLN A 80 -16.40 10.70 -21.25
N ARG A 81 -15.97 9.46 -21.45
CA ARG A 81 -16.77 8.30 -21.04
C ARG A 81 -15.85 7.12 -20.79
N GLY A 82 -16.26 6.26 -19.88
CA GLY A 82 -15.56 5.01 -19.66
C GLY A 82 -16.54 3.90 -19.35
N SER A 83 -16.53 2.83 -20.14
CA SER A 83 -17.58 1.83 -20.13
C SER A 83 -17.02 0.45 -19.82
N ALA A 84 -17.85 -0.40 -19.24
CA ALA A 84 -17.48 -1.76 -18.89
C ALA A 84 -18.08 -2.74 -19.89
N TYR A 85 -17.34 -3.82 -20.15
CA TYR A 85 -17.79 -4.86 -21.07
C TYR A 85 -17.38 -6.22 -20.55
N GLY A 86 -18.10 -7.24 -20.95
CA GLY A 86 -17.68 -8.60 -20.70
C GLY A 86 -17.63 -8.94 -19.23
N GLY A 87 -16.50 -9.50 -18.80
CA GLY A 87 -16.39 -9.99 -17.44
C GLY A 87 -16.39 -8.88 -16.40
N VAL A 88 -15.78 -7.74 -16.74
CA VAL A 88 -15.77 -6.60 -15.83
C VAL A 88 -17.17 -6.08 -15.62
N LEU A 89 -18.01 -6.12 -16.65
CA LEU A 89 -19.40 -5.69 -16.49
C LEU A 89 -20.16 -6.61 -15.54
N SER A 90 -19.90 -7.92 -15.61
CA SER A 90 -20.75 -8.89 -14.93
C SER A 90 -20.25 -9.28 -13.55
N ASN A 91 -18.97 -9.11 -13.25
CA ASN A 91 -18.39 -9.61 -12.01
C ASN A 91 -17.68 -8.56 -11.18
N PHE A 92 -17.56 -7.32 -11.63
CA PHE A 92 -16.72 -6.35 -10.96
C PHE A 92 -17.44 -5.02 -10.80
N SER A 93 -17.01 -4.27 -9.79
CA SER A 93 -17.40 -2.88 -9.59
C SER A 93 -16.19 -2.14 -9.08
N GLY A 94 -16.11 -0.85 -9.37
CA GLY A 94 -14.92 -0.12 -9.00
C GLY A 94 -15.00 1.36 -9.26
N THR A 95 -13.83 1.96 -9.47
CA THR A 95 -13.69 3.40 -9.61
C THR A 95 -12.51 3.71 -10.51
N VAL A 96 -12.52 4.90 -11.12
CA VAL A 96 -11.46 5.34 -12.00
C VAL A 96 -10.70 6.48 -11.33
N LYS A 97 -9.39 6.53 -11.56
CA LYS A 97 -8.48 7.43 -10.86
C LYS A 97 -7.87 8.36 -11.90
N TYR A 98 -8.09 9.66 -11.76
CA TYR A 98 -7.79 10.57 -12.86
C TYR A 98 -7.42 11.95 -12.34
N SER A 99 -6.14 12.26 -12.34
CA SER A 99 -5.62 13.61 -12.16
C SER A 99 -6.15 14.29 -10.89
N GLY A 100 -5.86 13.67 -9.76
CA GLY A 100 -6.16 14.26 -8.47
C GLY A 100 -7.37 13.71 -7.75
N SER A 101 -8.22 12.92 -8.38
CA SER A 101 -9.42 12.45 -7.71
C SER A 101 -9.92 11.15 -8.31
N SER A 102 -10.90 10.54 -7.64
CA SER A 102 -11.50 9.28 -8.07
C SER A 102 -12.98 9.46 -8.38
N TYR A 103 -13.44 8.73 -9.37
CA TYR A 103 -14.81 8.80 -9.88
C TYR A 103 -15.34 7.38 -10.05
N PRO A 104 -16.65 7.21 -10.15
CA PRO A 104 -17.21 5.87 -10.36
C PRO A 104 -16.82 5.29 -11.72
N PHE A 105 -16.87 3.97 -11.81
CA PHE A 105 -16.69 3.30 -13.08
C PHE A 105 -17.78 2.25 -13.23
N PRO A 106 -18.51 2.23 -14.35
CA PRO A 106 -18.45 3.12 -15.51
C PRO A 106 -18.86 4.53 -15.18
N THR A 107 -18.34 5.51 -15.92
CA THR A 107 -18.43 6.90 -15.51
C THR A 107 -19.79 7.46 -15.83
N THR A 108 -20.34 8.24 -14.90
CA THR A 108 -21.63 8.89 -15.04
C THR A 108 -21.54 10.31 -15.55
N SER A 109 -20.34 10.86 -15.71
CA SER A 109 -20.19 12.19 -16.30
C SER A 109 -18.75 12.34 -16.75
N GLU A 110 -18.48 13.52 -17.35
CA GLU A 110 -17.12 13.80 -17.86
C GLU A 110 -16.25 14.33 -16.72
N THR A 111 -14.94 14.07 -16.77
CA THR A 111 -13.99 14.45 -15.73
C THR A 111 -13.45 15.85 -15.97
N PRO A 112 -12.68 16.38 -15.01
CA PRO A 112 -11.95 17.63 -15.27
C PRO A 112 -10.78 17.46 -16.22
N ARG A 113 -10.03 18.53 -16.46
CA ARG A 113 -9.10 18.60 -17.58
C ARG A 113 -7.66 18.39 -17.15
N VAL A 114 -6.92 17.69 -18.00
CA VAL A 114 -5.48 17.56 -17.90
C VAL A 114 -4.88 18.37 -19.03
N VAL A 115 -3.85 19.16 -18.72
CA VAL A 115 -3.27 20.09 -19.67
C VAL A 115 -2.03 19.47 -20.30
N TYR A 116 -1.95 19.49 -21.62
CA TYR A 116 -0.80 19.02 -22.35
C TYR A 116 -0.14 20.21 -23.04
N ASN A 117 1.13 20.46 -22.70
CA ASN A 117 1.79 21.66 -23.19
C ASN A 117 3.24 21.42 -23.58
N SER A 118 3.58 20.21 -24.02
CA SER A 118 4.94 19.91 -24.43
C SER A 118 4.90 19.01 -25.65
N ARG A 119 5.97 19.06 -26.44
CA ARG A 119 6.09 18.25 -27.63
C ARG A 119 6.60 16.85 -27.34
N THR A 120 6.95 16.55 -26.10
CA THR A 120 7.40 15.24 -25.69
C THR A 120 6.24 14.47 -25.08
N ASP A 121 6.24 13.15 -25.25
CA ASP A 121 5.14 12.34 -24.76
C ASP A 121 5.02 12.42 -23.25
N LYS A 122 3.79 12.45 -22.77
CA LYS A 122 3.41 12.37 -21.38
C LYS A 122 2.32 11.32 -21.25
N PRO A 123 2.32 10.54 -20.20
CA PRO A 123 1.30 9.48 -20.06
C PRO A 123 -0.11 10.02 -19.89
N TRP A 124 -1.11 9.22 -20.24
CA TRP A 124 -2.49 9.53 -19.89
C TRP A 124 -2.75 8.92 -18.52
N PRO A 125 -2.94 9.72 -17.49
CA PRO A 125 -2.96 9.19 -16.12
C PRO A 125 -4.32 8.65 -15.69
N VAL A 126 -4.64 7.45 -16.17
CA VAL A 126 -5.93 6.80 -15.91
C VAL A 126 -5.65 5.43 -15.30
N ALA A 127 -6.48 5.01 -14.36
CA ALA A 127 -6.32 3.70 -13.74
C ALA A 127 -7.65 3.23 -13.18
N LEU A 128 -7.89 1.93 -13.26
CA LEU A 128 -9.14 1.33 -12.81
C LEU A 128 -8.88 0.40 -11.63
N TYR A 129 -9.66 0.58 -10.57
CA TYR A 129 -9.53 -0.22 -9.36
C TYR A 129 -10.84 -0.97 -9.18
N LEU A 130 -10.87 -2.22 -9.65
CA LEU A 130 -12.08 -3.02 -9.72
C LEU A 130 -12.04 -4.09 -8.64
N THR A 131 -13.14 -4.26 -7.93
CA THR A 131 -13.17 -5.24 -6.86
C THR A 131 -14.33 -6.21 -7.08
N PRO A 132 -14.15 -7.49 -6.77
CA PRO A 132 -15.17 -8.48 -7.10
C PRO A 132 -16.48 -8.22 -6.37
N VAL A 133 -17.57 -8.50 -7.05
CA VAL A 133 -18.88 -8.42 -6.43
C VAL A 133 -19.20 -9.74 -5.75
N SER A 134 -20.24 -9.74 -4.93
CA SER A 134 -20.76 -11.00 -4.43
C SER A 134 -21.28 -11.82 -5.59
N SER A 135 -21.23 -13.14 -5.46
CA SER A 135 -21.59 -14.09 -6.51
C SER A 135 -20.67 -14.03 -7.72
N ALA A 136 -19.40 -13.68 -7.51
CA ALA A 136 -18.38 -13.88 -8.53
C ALA A 136 -17.57 -15.14 -8.22
N GLY A 137 -17.15 -15.83 -9.28
CA GLY A 137 -16.40 -17.05 -9.10
C GLY A 137 -15.88 -17.63 -10.38
N GLY A 138 -14.92 -18.55 -10.30
CA GLY A 138 -14.37 -19.14 -11.50
C GLY A 138 -13.60 -18.13 -12.32
N VAL A 139 -13.61 -18.33 -13.64
CA VAL A 139 -12.91 -17.43 -14.54
C VAL A 139 -13.72 -16.15 -14.67
N ALA A 140 -13.31 -15.11 -13.94
CA ALA A 140 -13.99 -13.82 -13.98
C ALA A 140 -13.80 -13.11 -15.31
N ILE A 141 -12.59 -13.14 -15.88
CA ILE A 141 -12.30 -12.46 -17.12
C ILE A 141 -11.60 -13.45 -18.05
N LYS A 142 -12.07 -13.55 -19.29
CA LYS A 142 -11.48 -14.45 -20.26
C LYS A 142 -10.41 -13.75 -21.07
N ALA A 143 -9.41 -14.52 -21.49
CA ALA A 143 -8.28 -13.94 -22.21
C ALA A 143 -8.72 -13.47 -23.59
N GLY A 144 -8.24 -12.28 -23.97
CA GLY A 144 -8.58 -11.71 -25.25
C GLY A 144 -9.94 -11.07 -25.32
N SER A 145 -10.67 -10.98 -24.21
CA SER A 145 -12.01 -10.40 -24.21
C SER A 145 -11.95 -8.91 -23.93
N LEU A 146 -12.93 -8.19 -24.46
CA LEU A 146 -13.02 -6.75 -24.25
C LEU A 146 -13.53 -6.47 -22.85
N ILE A 147 -12.82 -5.64 -22.10
CA ILE A 147 -13.21 -5.32 -20.74
C ILE A 147 -13.54 -3.85 -20.53
N ALA A 148 -13.17 -2.96 -21.45
CA ALA A 148 -13.52 -1.55 -21.30
C ALA A 148 -13.29 -0.83 -22.62
N VAL A 149 -14.04 0.25 -22.80
CA VAL A 149 -13.78 1.25 -23.83
C VAL A 149 -13.69 2.60 -23.13
N LEU A 150 -12.62 3.33 -23.39
CA LEU A 150 -12.40 4.62 -22.80
C LEU A 150 -12.29 5.66 -23.90
N ILE A 151 -12.91 6.81 -23.72
CA ILE A 151 -12.93 7.85 -24.72
C ILE A 151 -12.15 9.03 -24.19
N LEU A 152 -11.13 9.43 -24.92
CA LEU A 152 -10.33 10.59 -24.60
C LEU A 152 -10.80 11.74 -25.48
N ARG A 153 -11.26 12.81 -24.85
CA ARG A 153 -11.75 13.97 -25.57
C ARG A 153 -10.72 15.07 -25.47
N GLN A 154 -10.33 15.63 -26.61
CA GLN A 154 -9.32 16.66 -26.67
C GLN A 154 -9.91 17.96 -27.20
N THR A 155 -9.69 19.04 -26.45
CA THR A 155 -10.04 20.38 -26.88
C THR A 155 -8.83 21.27 -26.71
N ASN A 156 -8.83 22.38 -27.43
CA ASN A 156 -7.69 23.26 -27.44
C ASN A 156 -8.16 24.68 -27.18
N ASN A 157 -7.24 25.48 -26.67
CA ASN A 157 -7.43 26.91 -26.50
C ASN A 157 -7.65 27.63 -27.82
N TYR A 158 -6.93 27.26 -28.87
CA TYR A 158 -6.75 28.07 -30.07
C TYR A 158 -7.97 28.20 -30.97
N ASN A 159 -8.69 27.11 -31.21
CA ASN A 159 -9.78 27.13 -32.19
C ASN A 159 -10.92 26.26 -31.66
N SER A 160 -11.81 25.83 -32.56
CA SER A 160 -12.99 25.07 -32.16
C SER A 160 -12.80 23.56 -32.22
N ASP A 161 -11.56 23.07 -32.37
CA ASP A 161 -11.34 21.64 -32.51
C ASP A 161 -11.78 20.89 -31.26
N ASP A 162 -12.50 19.79 -31.45
CA ASP A 162 -12.83 18.89 -30.36
C ASP A 162 -12.94 17.49 -30.93
N PHE A 163 -11.93 16.67 -30.67
CA PHE A 163 -11.75 15.36 -31.28
C PHE A 163 -11.84 14.29 -30.22
N GLN A 164 -12.13 13.06 -30.64
CA GLN A 164 -12.31 11.94 -29.74
C GLN A 164 -11.33 10.85 -30.08
N PHE A 165 -10.59 10.38 -29.08
CA PHE A 165 -9.63 9.30 -29.24
C PHE A 165 -10.15 8.09 -28.47
N VAL A 166 -10.55 7.05 -29.18
CA VAL A 166 -11.19 5.89 -28.56
C VAL A 166 -10.14 4.85 -28.24
N TRP A 167 -10.28 4.20 -27.09
CA TRP A 167 -9.35 3.18 -26.62
C TRP A 167 -10.14 1.95 -26.23
N ASN A 168 -9.76 0.81 -26.80
CA ASN A 168 -10.38 -0.48 -26.51
C ASN A 168 -9.42 -1.32 -25.68
N ILE A 169 -9.88 -1.77 -24.52
CA ILE A 169 -9.05 -2.45 -23.53
C ILE A 169 -9.42 -3.92 -23.53
N TYR A 170 -8.43 -4.77 -23.74
CA TYR A 170 -8.61 -6.21 -23.80
C TYR A 170 -7.77 -6.90 -22.73
N ALA A 171 -8.27 -8.02 -22.22
CA ALA A 171 -7.52 -8.79 -21.24
C ALA A 171 -6.53 -9.71 -21.94
N ASN A 172 -5.28 -9.70 -21.48
CA ASN A 172 -4.23 -10.49 -22.09
C ASN A 172 -4.03 -11.85 -21.42
N ASN A 173 -4.82 -12.17 -20.41
CA ASN A 173 -4.76 -13.48 -19.77
C ASN A 173 -6.09 -13.72 -19.08
N ASP A 174 -6.24 -14.89 -18.48
CA ASP A 174 -7.42 -15.16 -17.67
C ASP A 174 -7.26 -14.60 -16.28
N VAL A 175 -8.39 -14.38 -15.60
CA VAL A 175 -8.42 -13.98 -14.21
C VAL A 175 -9.47 -14.84 -13.50
N VAL A 176 -9.13 -15.32 -12.31
CA VAL A 176 -10.02 -16.19 -11.54
C VAL A 176 -10.25 -15.57 -10.16
N VAL A 177 -11.37 -15.93 -9.55
CA VAL A 177 -11.78 -15.42 -8.25
C VAL A 177 -12.16 -16.60 -7.39
N PRO A 178 -11.52 -16.81 -6.24
CA PRO A 178 -11.92 -17.92 -5.37
C PRO A 178 -13.34 -17.75 -4.82
N THR A 179 -14.06 -18.85 -4.72
CA THR A 179 -15.44 -18.80 -4.26
C THR A 179 -15.61 -19.35 -2.85
N GLU B 1 -15.40 5.94 11.55
CA GLU B 1 -15.45 5.79 10.10
C GLU B 1 -14.15 6.24 9.49
N ILE B 2 -14.23 6.90 8.33
CA ILE B 2 -13.03 7.39 7.68
C ILE B 2 -12.44 8.52 8.51
N GLN B 3 -11.15 8.44 8.78
CA GLN B 3 -10.52 9.36 9.72
C GLN B 3 -9.07 9.59 9.32
N LEU B 4 -8.63 10.82 9.48
CA LEU B 4 -7.26 11.22 9.15
C LEU B 4 -6.67 11.92 10.35
N GLN B 5 -5.55 11.40 10.84
CA GLN B 5 -4.94 11.85 12.09
C GLN B 5 -3.58 12.44 11.80
N GLN B 6 -3.35 13.66 12.28
CA GLN B 6 -2.11 14.35 12.02
C GLN B 6 -1.26 14.43 13.28
N SER B 7 0.01 14.76 13.10
CA SER B 7 0.88 14.99 14.23
C SER B 7 0.49 16.30 14.92
N GLY B 8 1.06 16.52 16.11
CA GLY B 8 0.70 17.64 16.92
C GLY B 8 1.36 18.92 16.44
N PRO B 9 1.16 20.00 17.20
CA PRO B 9 1.70 21.30 16.80
C PRO B 9 3.22 21.32 16.81
N GLU B 10 3.78 22.19 15.99
CA GLU B 10 5.21 22.27 15.80
C GLU B 10 5.68 23.70 16.07
N ARG B 11 6.91 23.83 16.57
CA ARG B 11 7.51 25.13 16.84
C ARG B 11 8.95 25.10 16.34
N MET B 12 9.23 25.83 15.28
CA MET B 12 10.50 25.77 14.57
C MET B 12 11.15 27.14 14.55
N LYS B 13 12.28 27.25 13.84
CA LYS B 13 13.09 28.45 13.79
C LYS B 13 13.39 28.78 12.34
N PRO B 14 13.58 30.05 12.00
CA PRO B 14 13.76 30.42 10.58
C PRO B 14 14.97 29.72 9.98
N GLY B 15 14.82 29.33 8.70
CA GLY B 15 15.85 28.62 7.99
C GLY B 15 15.86 27.13 8.20
N ALA B 16 14.97 26.60 9.03
CA ALA B 16 14.95 25.18 9.35
C ALA B 16 14.01 24.44 8.41
N SER B 17 13.70 23.19 8.73
CA SER B 17 12.77 22.38 7.96
C SER B 17 11.94 21.56 8.91
N VAL B 18 10.71 21.25 8.51
CA VAL B 18 9.80 20.51 9.37
C VAL B 18 9.08 19.46 8.53
N LYS B 19 8.64 18.39 9.19
CA LYS B 19 7.92 17.30 8.55
C LYS B 19 6.71 16.96 9.41
N ILE B 20 5.54 16.89 8.78
CA ILE B 20 4.30 16.57 9.48
C ILE B 20 3.65 15.37 8.81
N SER B 21 2.92 14.61 9.61
CA SER B 21 2.38 13.32 9.18
C SER B 21 0.87 13.33 9.24
N CYS B 22 0.26 12.47 8.43
CA CYS B 22 -1.19 12.30 8.39
C CYS B 22 -1.47 10.81 8.27
N LYS B 23 -2.17 10.25 9.24
CA LYS B 23 -2.38 8.81 9.31
C LYS B 23 -3.83 8.51 8.96
N ALA B 24 -4.03 7.81 7.85
CA ALA B 24 -5.35 7.49 7.33
C ALA B 24 -5.81 6.14 7.84
N SER B 25 -7.10 6.05 8.15
CA SER B 25 -7.70 4.83 8.67
C SER B 25 -9.15 4.72 8.20
N GLY B 26 -9.55 3.51 7.87
CA GLY B 26 -10.94 3.23 7.54
C GLY B 26 -11.26 3.01 6.08
N TYR B 27 -10.26 2.95 5.21
CA TYR B 27 -10.52 2.79 3.78
C TYR B 27 -9.27 2.25 3.11
N SER B 28 -9.44 1.80 1.87
CA SER B 28 -8.33 1.29 1.07
C SER B 28 -7.41 2.44 0.72
N PHE B 29 -6.22 2.43 1.30
CA PHE B 29 -5.40 3.63 1.32
C PHE B 29 -4.94 4.02 -0.07
N THR B 30 -4.56 3.06 -0.90
CA THR B 30 -4.00 3.39 -2.20
C THR B 30 -5.05 3.74 -3.25
N THR B 31 -6.34 3.59 -2.93
CA THR B 31 -7.39 3.83 -3.92
C THR B 31 -7.65 5.30 -4.16
N TYR B 32 -7.43 6.16 -3.16
CA TYR B 32 -7.80 7.57 -3.22
C TYR B 32 -6.56 8.43 -3.03
N TYR B 33 -6.58 9.63 -3.63
CA TYR B 33 -5.48 10.57 -3.49
C TYR B 33 -5.52 11.27 -2.13
N ILE B 34 -4.41 11.91 -1.79
CA ILE B 34 -4.28 12.72 -0.57
C ILE B 34 -3.79 14.09 -0.97
N HIS B 35 -4.45 15.14 -0.47
CA HIS B 35 -4.16 16.53 -0.80
C HIS B 35 -3.66 17.27 0.42
N TRP B 36 -3.08 18.44 0.22
CA TRP B 36 -2.63 19.30 1.31
C TRP B 36 -3.07 20.74 1.06
N VAL B 37 -3.59 21.38 2.10
CA VAL B 37 -4.13 22.73 2.03
C VAL B 37 -3.58 23.53 3.20
N LYS B 38 -3.31 24.82 2.96
CA LYS B 38 -2.73 25.72 3.94
C LYS B 38 -3.67 26.89 4.19
N GLN B 39 -4.00 27.14 5.46
CA GLN B 39 -4.81 28.30 5.82
C GLN B 39 -3.94 29.30 6.59
N SER B 40 -3.85 30.52 6.07
CA SER B 40 -2.97 31.49 6.69
C SER B 40 -3.65 32.12 7.90
N HIS B 41 -2.96 33.10 8.49
CA HIS B 41 -3.64 34.06 9.35
C HIS B 41 -4.50 34.95 8.46
N GLY B 42 -5.69 35.29 8.94
CA GLY B 42 -6.65 35.93 8.07
C GLY B 42 -7.51 34.95 7.32
N ARG B 43 -7.20 33.66 7.39
CA ARG B 43 -8.05 32.52 7.05
C ARG B 43 -8.42 32.44 5.59
N SER B 44 -7.47 32.62 4.67
CA SER B 44 -7.74 32.29 3.28
C SER B 44 -7.03 31.00 2.91
N LEU B 45 -7.78 30.08 2.31
CA LEU B 45 -7.27 28.75 2.00
C LEU B 45 -6.42 28.77 0.74
N GLU B 46 -5.26 28.13 0.79
CA GLU B 46 -4.40 27.90 -0.37
C GLU B 46 -4.12 26.41 -0.53
N TRP B 47 -4.06 25.95 -1.77
CA TRP B 47 -3.93 24.55 -2.10
C TRP B 47 -2.48 24.23 -2.46
N ILE B 48 -1.94 23.17 -1.87
CA ILE B 48 -0.53 22.84 -2.08
C ILE B 48 -0.35 21.79 -3.16
N GLY B 49 -0.91 20.60 -2.99
CA GLY B 49 -0.76 19.59 -4.02
C GLY B 49 -1.36 18.27 -3.59
N TYR B 50 -1.18 17.27 -4.44
CA TYR B 50 -1.69 15.94 -4.19
C TYR B 50 -0.61 14.89 -4.45
N ILE B 51 -0.78 13.74 -3.81
CA ILE B 51 0.12 12.61 -3.97
C ILE B 51 -0.70 11.35 -4.23
N ASP B 52 -0.25 10.53 -5.16
CA ASP B 52 -0.84 9.23 -5.41
C ASP B 52 -0.21 8.20 -4.49
N PRO B 53 -0.98 7.62 -3.56
CA PRO B 53 -0.42 6.56 -2.70
C PRO B 53 -0.04 5.31 -3.46
N PHE B 54 -0.51 5.13 -4.69
CA PHE B 54 -0.18 3.93 -5.44
C PHE B 54 1.27 3.95 -5.91
N ASN B 55 1.72 5.07 -6.45
CA ASN B 55 3.05 5.11 -7.05
C ASN B 55 3.82 6.39 -6.74
N ASP B 56 3.40 7.20 -5.78
CA ASP B 56 4.12 8.41 -5.37
C ASP B 56 4.25 9.43 -6.50
N ASP B 57 3.30 9.50 -7.41
CA ASP B 57 3.29 10.60 -8.36
C ASP B 57 2.67 11.82 -7.70
N THR B 58 3.31 12.98 -7.87
CA THR B 58 2.92 14.19 -7.17
C THR B 58 2.71 15.32 -8.15
N ASN B 59 1.80 16.22 -7.79
CA ASN B 59 1.64 17.50 -8.46
C ASN B 59 1.61 18.59 -7.41
N TYR B 60 2.26 19.71 -7.71
CA TYR B 60 2.40 20.80 -6.76
C TYR B 60 1.81 22.07 -7.32
N ASN B 61 1.36 22.94 -6.41
CA ASN B 61 1.01 24.30 -6.78
C ASN B 61 2.27 25.07 -7.13
N GLN B 62 2.20 25.89 -8.19
CA GLN B 62 3.39 26.61 -8.63
C GLN B 62 3.92 27.55 -7.58
N LYS B 63 3.08 27.97 -6.63
CA LYS B 63 3.52 28.85 -5.57
C LYS B 63 4.46 28.15 -4.61
N PHE B 64 4.26 26.85 -4.39
CA PHE B 64 4.97 26.11 -3.36
C PHE B 64 6.04 25.19 -3.94
N LYS B 65 6.42 25.38 -5.19
CA LYS B 65 7.47 24.56 -5.80
C LYS B 65 8.82 24.88 -5.16
N GLY B 66 9.59 23.84 -4.89
CA GLY B 66 10.86 23.99 -4.23
C GLY B 66 10.70 23.97 -2.72
N LYS B 67 9.64 24.60 -2.23
CA LYS B 67 9.41 24.68 -0.80
C LYS B 67 8.83 23.39 -0.23
N ALA B 68 7.85 22.82 -0.92
CA ALA B 68 7.10 21.68 -0.40
C ALA B 68 7.50 20.40 -1.09
N THR B 69 7.31 19.29 -0.39
CA THR B 69 7.61 17.99 -0.94
C THR B 69 6.76 16.97 -0.22
N LEU B 70 5.98 16.21 -0.99
CA LEU B 70 5.06 15.22 -0.44
C LEU B 70 5.60 13.84 -0.72
N THR B 71 5.51 12.97 0.28
CA THR B 71 5.82 11.56 0.12
C THR B 71 4.79 10.77 0.89
N VAL B 72 4.69 9.48 0.56
CA VAL B 72 3.73 8.60 1.23
C VAL B 72 4.47 7.35 1.66
N ASP B 73 3.95 6.68 2.67
CA ASP B 73 4.50 5.43 3.16
C ASP B 73 3.35 4.43 3.20
N LYS B 74 3.19 3.68 2.11
CA LYS B 74 2.00 2.84 1.97
C LYS B 74 2.04 1.61 2.85
N SER B 75 3.17 1.31 3.48
CA SER B 75 3.21 0.18 4.39
C SER B 75 2.35 0.42 5.62
N SER B 76 2.35 1.64 6.14
CA SER B 76 1.60 1.97 7.34
C SER B 76 0.49 2.98 7.09
N SER B 77 0.20 3.32 5.84
CA SER B 77 -0.87 4.24 5.47
C SER B 77 -0.67 5.62 6.10
N THR B 78 0.44 6.27 5.75
CA THR B 78 0.81 7.56 6.30
C THR B 78 1.38 8.41 5.18
N ALA B 79 1.00 9.67 5.14
CA ALA B 79 1.54 10.65 4.20
C ALA B 79 2.34 11.71 4.95
N TYR B 80 3.28 12.31 4.25
CA TYR B 80 4.18 13.27 4.86
C TYR B 80 4.25 14.54 4.02
N MET B 81 4.25 15.68 4.69
CA MET B 81 4.51 16.96 4.05
C MET B 81 5.81 17.52 4.61
N HIS B 82 6.69 17.96 3.73
CA HIS B 82 7.96 18.53 4.12
C HIS B 82 8.04 19.97 3.65
N LEU B 83 8.24 20.89 4.58
CA LEU B 83 8.39 22.30 4.25
C LEU B 83 9.72 22.78 4.81
N SER B 84 10.58 23.30 3.93
CA SER B 84 11.97 23.55 4.27
C SER B 84 12.34 24.99 3.93
N SER B 85 13.39 25.47 4.57
CA SER B 85 13.82 26.87 4.50
C SER B 85 12.71 27.79 5.00
N LEU B 86 12.30 27.53 6.23
CA LEU B 86 11.15 28.21 6.81
C LEU B 86 11.43 29.70 6.98
N THR B 87 10.41 30.52 6.74
CA THR B 87 10.44 31.93 7.07
C THR B 87 9.21 32.25 7.92
N SER B 88 9.06 33.53 8.24
CA SER B 88 7.94 33.95 9.09
C SER B 88 6.61 33.78 8.38
N GLU B 89 6.61 33.81 7.05
CA GLU B 89 5.38 33.69 6.28
C GLU B 89 4.85 32.27 6.24
N ASP B 90 5.57 31.30 6.76
CA ASP B 90 5.15 29.92 6.77
C ASP B 90 4.40 29.52 8.03
N SER B 91 4.10 30.45 8.91
CA SER B 91 3.24 30.14 10.05
C SER B 91 1.80 30.06 9.58
N ALA B 92 1.20 28.89 9.70
CA ALA B 92 -0.18 28.70 9.27
C ALA B 92 -0.69 27.39 9.85
N VAL B 93 -1.87 26.98 9.39
CA VAL B 93 -2.41 25.66 9.65
C VAL B 93 -2.34 24.88 8.35
N TYR B 94 -1.87 23.65 8.43
CA TYR B 94 -1.70 22.79 7.27
C TYR B 94 -2.61 21.58 7.42
N TYR B 95 -3.37 21.29 6.37
CA TYR B 95 -4.40 20.27 6.39
C TYR B 95 -4.09 19.16 5.39
N CYS B 96 -4.42 17.93 5.76
CA CYS B 96 -4.39 16.79 4.86
C CYS B 96 -5.82 16.35 4.59
N ALA B 97 -6.13 16.04 3.34
CA ALA B 97 -7.50 15.69 3.01
C ALA B 97 -7.52 14.63 1.93
N ARG B 98 -8.56 13.80 1.97
CA ARG B 98 -8.81 12.80 0.94
C ARG B 98 -9.66 13.41 -0.17
N SER B 99 -9.53 12.88 -1.38
CA SER B 99 -10.24 13.41 -2.52
C SER B 99 -11.16 12.37 -3.13
N TYR B 100 -12.42 12.76 -3.36
CA TYR B 100 -13.36 11.93 -4.08
C TYR B 100 -14.27 12.82 -4.91
N TYR B 101 -14.45 12.45 -6.16
CA TYR B 101 -15.37 13.12 -7.07
C TYR B 101 -15.05 14.61 -7.17
N GLY B 102 -13.78 14.93 -7.23
CA GLY B 102 -13.35 16.29 -7.43
C GLY B 102 -13.38 17.15 -6.19
N SER B 103 -13.71 16.60 -5.04
CA SER B 103 -13.91 17.37 -3.84
C SER B 103 -13.14 16.76 -2.68
N LEU B 104 -12.58 17.63 -1.85
CA LEU B 104 -11.82 17.22 -0.68
C LEU B 104 -12.82 16.68 0.34
N ASP B 105 -12.86 15.35 0.43
CA ASP B 105 -14.01 14.66 1.01
C ASP B 105 -13.92 14.60 2.52
N TYR B 106 -12.75 14.26 3.05
CA TYR B 106 -12.53 14.16 4.48
C TYR B 106 -11.25 14.91 4.82
N TRP B 107 -11.23 15.54 5.98
CA TRP B 107 -10.14 16.42 6.35
C TRP B 107 -9.49 15.95 7.65
N GLY B 108 -8.21 16.25 7.79
CA GLY B 108 -7.54 16.07 9.07
C GLY B 108 -7.89 17.18 10.04
N GLN B 109 -7.36 17.09 11.25
CA GLN B 109 -7.69 18.10 12.25
C GLN B 109 -6.87 19.38 12.13
N GLY B 110 -5.79 19.38 11.35
CA GLY B 110 -5.02 20.57 11.12
C GLY B 110 -3.84 20.72 12.07
N THR B 111 -2.67 20.99 11.53
CA THR B 111 -1.45 21.13 12.32
C THR B 111 -1.01 22.59 12.29
N THR B 112 -0.86 23.17 13.47
CA THR B 112 -0.42 24.55 13.60
C THR B 112 1.10 24.61 13.64
N LEU B 113 1.67 25.51 12.85
CA LEU B 113 3.12 25.67 12.78
C LEU B 113 3.45 27.12 13.07
N THR B 114 4.42 27.34 13.96
CA THR B 114 4.89 28.67 14.31
C THR B 114 6.37 28.74 13.99
N VAL B 115 6.75 29.79 13.26
CA VAL B 115 8.15 30.05 12.92
C VAL B 115 8.55 31.32 13.65
N SER B 116 9.41 31.17 14.65
CA SER B 116 9.85 32.32 15.44
C SER B 116 11.17 32.02 16.13
N SER B 117 12.10 32.96 16.04
CA SER B 117 13.38 32.85 16.72
C SER B 117 13.24 33.13 18.21
N ALA B 118 12.10 33.61 18.66
CA ALA B 118 11.92 33.97 20.05
C ALA B 118 11.97 32.72 20.93
N LYS B 119 12.24 32.96 22.21
CA LYS B 119 12.43 31.89 23.18
C LYS B 119 11.40 32.05 24.28
N THR B 120 11.26 30.99 25.08
CA THR B 120 10.27 31.01 26.15
C THR B 120 10.47 32.21 27.05
N THR B 121 9.38 32.87 27.42
CA THR B 121 9.45 34.10 28.19
C THR B 121 8.22 34.19 29.10
N PRO B 122 8.40 34.41 30.40
CA PRO B 122 7.25 34.54 31.28
C PRO B 122 6.56 35.88 31.11
N PRO B 123 5.26 35.95 31.39
CA PRO B 123 4.52 37.18 31.12
C PRO B 123 4.59 38.16 32.27
N SER B 124 4.47 39.43 31.96
CA SER B 124 4.23 40.45 32.97
C SER B 124 2.74 40.73 33.06
N VAL B 125 2.27 40.94 34.27
CA VAL B 125 0.86 41.21 34.52
C VAL B 125 0.76 42.58 35.19
N TYR B 126 -0.14 43.42 34.68
CA TYR B 126 -0.37 44.73 35.24
C TYR B 126 -1.87 44.93 35.42
N PRO B 127 -2.33 45.33 36.59
CA PRO B 127 -3.76 45.60 36.79
C PRO B 127 -4.18 46.93 36.20
N LEU B 128 -5.44 47.00 35.79
CA LEU B 128 -6.03 48.22 35.25
C LEU B 128 -7.23 48.61 36.10
N ALA B 129 -7.19 49.81 36.65
CA ALA B 129 -8.24 50.33 37.52
C ALA B 129 -8.56 51.76 37.13
N PRO B 130 -9.78 52.22 37.37
CA PRO B 130 -10.21 53.51 36.84
C PRO B 130 -9.40 54.67 37.40
N GLY B 131 -9.46 55.80 36.70
CA GLY B 131 -8.69 56.95 37.10
C GLY B 131 -9.32 57.74 38.24
N SER B 132 -9.30 59.06 38.13
CA SER B 132 -9.86 59.90 39.19
C SER B 132 -11.36 59.72 39.34
N ALA B 133 -12.06 59.37 38.27
CA ALA B 133 -13.50 59.17 38.32
C ALA B 133 -13.86 57.96 37.48
N ALA B 134 -14.95 57.29 37.88
CA ALA B 134 -15.41 56.13 37.13
C ALA B 134 -16.10 56.56 35.84
N GLN B 135 -16.04 55.68 34.84
CA GLN B 135 -16.67 55.99 33.55
C GLN B 135 -18.19 55.95 33.66
N THR B 136 -18.73 55.11 34.56
CA THR B 136 -20.16 55.00 34.76
C THR B 136 -20.42 54.85 36.26
N ASN B 137 -21.57 55.37 36.69
CA ASN B 137 -21.92 55.27 38.11
C ASN B 137 -22.43 53.89 38.47
N SER B 138 -23.21 53.26 37.59
CA SER B 138 -23.85 51.98 37.94
C SER B 138 -22.87 50.81 37.88
N MET B 139 -22.00 50.79 36.86
CA MET B 139 -21.09 49.67 36.63
C MET B 139 -19.67 50.17 36.55
N VAL B 140 -18.73 49.35 37.02
CA VAL B 140 -17.31 49.66 36.96
C VAL B 140 -16.62 48.60 36.10
N THR B 141 -15.68 49.05 35.27
CA THR B 141 -14.96 48.16 34.38
C THR B 141 -13.53 48.00 34.87
N LEU B 142 -13.10 46.76 35.06
CA LEU B 142 -11.77 46.44 35.54
C LEU B 142 -11.02 45.66 34.47
N GLY B 143 -9.72 45.92 34.35
CA GLY B 143 -8.94 45.32 33.30
C GLY B 143 -7.64 44.72 33.82
N CYS B 144 -7.13 43.79 33.03
CA CYS B 144 -5.90 43.09 33.35
C CYS B 144 -5.08 43.00 32.07
N LEU B 145 -3.81 43.38 32.13
CA LEU B 145 -2.95 43.48 30.96
C LEU B 145 -1.79 42.51 31.09
N VAL B 146 -1.70 41.57 30.15
CA VAL B 146 -0.69 40.50 30.17
C VAL B 146 0.23 40.73 28.98
N LYS B 147 1.51 40.97 29.27
CA LYS B 147 2.39 41.56 28.28
C LYS B 147 3.67 40.78 28.10
N GLY B 148 4.14 40.72 26.86
CA GLY B 148 5.48 40.27 26.57
C GLY B 148 5.83 38.84 26.88
N TYR B 149 4.99 37.89 26.52
CA TYR B 149 5.25 36.48 26.76
C TYR B 149 5.45 35.72 25.46
N PHE B 150 5.78 34.45 25.59
CA PHE B 150 5.97 33.53 24.47
C PHE B 150 6.13 32.14 25.03
N PRO B 151 5.57 31.11 24.39
CA PRO B 151 4.67 31.13 23.24
C PRO B 151 3.21 30.99 23.68
N GLU B 152 2.29 30.86 22.73
CA GLU B 152 0.89 30.67 23.04
C GLU B 152 0.67 29.23 23.53
N PRO B 153 -0.41 28.99 24.28
CA PRO B 153 -1.48 29.88 24.73
C PRO B 153 -1.34 30.34 26.16
N VAL B 154 -2.22 31.22 26.61
CA VAL B 154 -2.28 31.69 27.99
C VAL B 154 -3.75 31.79 28.38
N THR B 155 -4.06 31.29 29.57
CA THR B 155 -5.41 31.39 30.11
C THR B 155 -5.45 32.44 31.21
N VAL B 156 -6.59 33.12 31.32
CA VAL B 156 -6.80 34.12 32.35
C VAL B 156 -8.17 33.91 32.97
N THR B 157 -8.28 34.17 34.26
CA THR B 157 -9.54 33.98 34.98
C THR B 157 -9.62 34.99 36.12
N TRP B 158 -10.85 35.26 36.55
CA TRP B 158 -11.13 36.28 37.55
C TRP B 158 -11.73 35.65 38.81
N ASN B 159 -11.08 35.91 39.95
CA ASN B 159 -11.47 35.33 41.24
C ASN B 159 -11.53 33.80 41.17
N SER B 160 -10.55 33.23 40.47
CA SER B 160 -10.43 31.78 40.31
C SER B 160 -11.69 31.19 39.68
N GLY B 161 -12.30 31.94 38.76
CA GLY B 161 -13.48 31.47 38.07
C GLY B 161 -14.79 31.89 38.66
N SER B 162 -14.78 32.64 39.76
CA SER B 162 -16.03 33.10 40.36
C SER B 162 -16.79 34.05 39.43
N LEU B 163 -16.08 34.95 38.75
CA LEU B 163 -16.70 35.88 37.81
C LEU B 163 -16.88 35.22 36.44
N SER B 164 -17.73 34.20 36.41
CA SER B 164 -17.96 33.45 35.18
C SER B 164 -18.76 34.24 34.15
N SER B 165 -19.31 35.38 34.51
CA SER B 165 -20.14 36.16 33.60
C SER B 165 -19.65 37.59 33.57
N GLY B 166 -19.83 38.23 32.42
CA GLY B 166 -19.41 39.60 32.24
C GLY B 166 -17.91 39.79 32.08
N VAL B 167 -17.23 38.87 31.40
CA VAL B 167 -15.79 38.93 31.22
C VAL B 167 -15.46 38.79 29.74
N HIS B 168 -14.43 39.50 29.30
CA HIS B 168 -13.97 39.47 27.92
C HIS B 168 -12.47 39.27 27.90
N THR B 169 -12.02 38.41 26.98
CA THR B 169 -10.60 38.10 26.86
C THR B 169 -10.25 38.17 25.39
N PHE B 170 -9.58 39.24 25.00
CA PHE B 170 -9.29 39.47 23.61
C PHE B 170 -8.16 38.54 23.16
N PRO B 171 -8.13 38.18 21.88
CA PRO B 171 -7.04 37.35 21.39
C PRO B 171 -5.70 38.06 21.46
N ALA B 172 -4.63 37.27 21.60
CA ALA B 172 -3.30 37.82 21.72
C ALA B 172 -2.77 38.30 20.38
N VAL B 173 -1.90 39.31 20.43
CA VAL B 173 -1.32 39.92 19.24
C VAL B 173 0.18 40.04 19.43
N LEU B 174 0.93 39.80 18.36
CA LEU B 174 2.38 39.94 18.41
C LEU B 174 2.81 41.40 18.42
N GLN B 175 3.84 41.67 19.23
CA GLN B 175 4.59 42.91 19.15
C GLN B 175 5.99 42.62 19.67
N SER B 176 7.00 43.07 18.92
CA SER B 176 8.40 42.82 19.24
C SER B 176 8.67 41.33 19.43
N ASP B 177 8.03 40.51 18.60
CA ASP B 177 8.14 39.05 18.59
C ASP B 177 7.67 38.41 19.89
N LEU B 178 6.91 39.14 20.71
CA LEU B 178 6.35 38.63 21.95
C LEU B 178 4.86 38.90 21.98
N TYR B 179 4.10 38.05 22.64
CA TYR B 179 2.66 38.16 22.61
C TYR B 179 2.14 39.08 23.71
N THR B 180 1.01 39.73 23.43
CA THR B 180 0.36 40.62 24.38
C THR B 180 -1.13 40.34 24.42
N LEU B 181 -1.70 40.28 25.62
CA LEU B 181 -3.11 39.96 25.80
C LEU B 181 -3.69 40.86 26.89
N SER B 182 -4.98 41.14 26.78
CA SER B 182 -5.67 41.90 27.82
C SER B 182 -7.05 41.29 28.02
N SER B 183 -7.55 41.42 29.24
CA SER B 183 -8.87 40.93 29.60
C SER B 183 -9.60 41.99 30.40
N SER B 184 -10.92 41.93 30.37
CA SER B 184 -11.75 42.91 31.06
C SER B 184 -12.94 42.24 31.71
N VAL B 185 -13.29 42.69 32.91
CA VAL B 185 -14.49 42.25 33.59
C VAL B 185 -15.24 43.48 34.08
N THR B 186 -16.56 43.35 34.22
CA THR B 186 -17.43 44.43 34.67
C THR B 186 -18.27 43.95 35.84
N VAL B 187 -18.29 44.73 36.91
CA VAL B 187 -19.05 44.41 38.11
C VAL B 187 -19.86 45.62 38.53
N PRO B 188 -20.93 45.41 39.30
CA PRO B 188 -21.68 46.55 39.83
C PRO B 188 -20.82 47.37 40.78
N SER B 189 -20.99 48.69 40.72
CA SER B 189 -20.16 49.59 41.52
C SER B 189 -20.35 49.40 43.01
N SER B 190 -21.43 48.77 43.45
CA SER B 190 -21.60 48.48 44.85
C SER B 190 -20.70 47.33 45.30
N THR B 191 -20.17 46.56 44.36
CA THR B 191 -19.33 45.41 44.72
C THR B 191 -17.88 45.84 44.95
N TRP B 192 -17.34 46.65 44.05
CA TRP B 192 -15.96 47.09 44.10
C TRP B 192 -15.90 48.53 44.57
N PRO B 193 -14.89 48.91 45.37
CA PRO B 193 -13.78 48.11 45.90
C PRO B 193 -14.14 47.32 47.15
N SER B 194 -15.43 47.22 47.51
CA SER B 194 -15.80 46.52 48.74
C SER B 194 -15.42 45.06 48.70
N GLU B 195 -15.63 44.39 47.58
CA GLU B 195 -15.29 42.97 47.43
C GLU B 195 -14.04 42.86 46.57
N THR B 196 -13.08 42.06 47.03
CA THR B 196 -11.81 41.95 46.35
C THR B 196 -11.97 41.18 45.03
N VAL B 197 -11.16 41.55 44.04
CA VAL B 197 -11.10 40.87 42.75
C VAL B 197 -9.64 40.80 42.33
N THR B 198 -9.26 39.67 41.75
CA THR B 198 -7.89 39.49 41.27
C THR B 198 -7.88 38.78 39.92
N CYS B 199 -6.93 39.17 39.07
CA CYS B 199 -6.76 38.58 37.75
C CYS B 199 -5.73 37.47 37.84
N ASN B 200 -6.14 36.25 37.51
CA ASN B 200 -5.28 35.07 37.64
C ASN B 200 -4.83 34.60 36.26
N VAL B 201 -3.53 34.55 36.06
CA VAL B 201 -2.93 34.24 34.77
C VAL B 201 -2.03 33.03 34.93
N ALA B 202 -2.12 32.10 33.98
CA ALA B 202 -1.31 30.90 34.03
C ALA B 202 -0.64 30.68 32.68
N HIS B 203 0.64 30.34 32.70
CA HIS B 203 1.43 30.14 31.49
C HIS B 203 2.09 28.77 31.54
N PRO B 204 1.49 27.76 30.92
CA PRO B 204 2.04 26.40 31.01
C PRO B 204 3.47 26.27 30.49
N ALA B 205 3.82 26.99 29.42
CA ALA B 205 5.15 26.84 28.83
C ALA B 205 6.26 27.23 29.81
N SER B 206 5.98 28.16 30.71
CA SER B 206 6.92 28.54 31.76
C SER B 206 6.47 28.10 33.14
N SER B 207 5.36 27.37 33.25
CA SER B 207 4.85 26.88 34.53
C SER B 207 4.63 28.01 35.53
N THR B 208 4.08 29.12 35.07
CA THR B 208 3.85 30.29 35.92
C THR B 208 2.48 30.19 36.59
N GLU C 1 12.97 -19.40 9.83
CA GLU C 1 12.55 -18.70 8.63
C GLU C 1 11.24 -19.24 8.10
N VAL C 2 10.83 -18.78 6.92
CA VAL C 2 9.58 -19.25 6.32
C VAL C 2 9.69 -20.72 5.97
N LEU C 3 8.71 -21.50 6.38
CA LEU C 3 8.83 -22.95 6.28
C LEU C 3 7.45 -23.61 6.31
N LEU C 4 7.24 -24.57 5.41
CA LEU C 4 5.99 -25.31 5.34
C LEU C 4 6.29 -26.78 5.61
N LYS C 5 5.56 -27.38 6.54
CA LYS C 5 5.81 -28.74 6.98
C LYS C 5 4.57 -29.60 6.80
N GLN C 6 4.73 -30.72 6.11
CA GLN C 6 3.65 -31.68 5.89
C GLN C 6 3.89 -32.93 6.71
N SER C 7 2.93 -33.84 6.65
CA SER C 7 3.03 -35.06 7.43
C SER C 7 3.94 -36.08 6.73
N GLY C 8 4.08 -37.24 7.35
CA GLY C 8 4.93 -38.28 6.80
C GLY C 8 4.22 -39.09 5.74
N PRO C 9 4.93 -40.03 5.13
CA PRO C 9 4.31 -40.86 4.09
C PRO C 9 3.16 -41.69 4.63
N GLU C 10 2.21 -41.98 3.76
CA GLU C 10 0.94 -42.59 4.14
C GLU C 10 0.71 -43.85 3.33
N LYS C 11 0.04 -44.82 3.94
CA LYS C 11 -0.44 -46.03 3.28
C LYS C 11 -1.92 -46.17 3.54
N VAL C 12 -2.71 -46.29 2.49
CA VAL C 12 -4.17 -46.31 2.62
C VAL C 12 -4.76 -47.40 1.74
N LYS C 13 -5.95 -47.86 2.12
CA LYS C 13 -6.63 -48.90 1.37
C LYS C 13 -7.43 -48.28 0.23
N PRO C 14 -7.64 -49.02 -0.85
CA PRO C 14 -8.50 -48.51 -1.93
C PRO C 14 -9.90 -48.25 -1.43
N GLY C 15 -10.46 -47.13 -1.85
CA GLY C 15 -11.77 -46.72 -1.38
C GLY C 15 -11.78 -45.99 -0.07
N ALA C 16 -10.62 -45.73 0.54
CA ALA C 16 -10.57 -45.00 1.80
C ALA C 16 -10.50 -43.51 1.53
N SER C 17 -10.21 -42.73 2.57
CA SER C 17 -9.98 -41.31 2.45
C SER C 17 -8.85 -40.90 3.39
N VAL C 18 -8.12 -39.85 2.99
CA VAL C 18 -6.94 -39.39 3.70
C VAL C 18 -6.92 -37.88 3.66
N LYS C 19 -6.36 -37.28 4.71
CA LYS C 19 -6.25 -35.83 4.83
C LYS C 19 -4.80 -35.47 5.15
N ILE C 20 -4.25 -34.52 4.41
CA ILE C 20 -2.84 -34.15 4.49
C ILE C 20 -2.73 -32.74 5.04
N PRO C 21 -2.12 -32.53 6.20
CA PRO C 21 -1.91 -31.16 6.68
C PRO C 21 -0.66 -30.53 6.10
N CYS C 22 -0.60 -29.20 6.23
CA CYS C 22 0.54 -28.42 5.79
C CYS C 22 0.57 -27.17 6.66
N LYS C 23 1.45 -27.14 7.66
CA LYS C 23 1.50 -26.06 8.62
C LYS C 23 2.51 -25.01 8.19
N ALA C 24 2.12 -23.75 8.33
CA ALA C 24 2.96 -22.63 7.94
C ALA C 24 3.57 -21.96 9.16
N SER C 25 4.75 -21.38 8.98
CA SER C 25 5.42 -20.66 10.04
C SER C 25 6.45 -19.71 9.43
N GLY C 26 6.82 -18.70 10.20
CA GLY C 26 7.82 -17.75 9.77
C GLY C 26 7.32 -16.60 8.93
N TYR C 27 6.03 -16.53 8.65
CA TYR C 27 5.46 -15.44 7.87
C TYR C 27 4.00 -15.30 8.26
N THR C 28 3.41 -14.16 7.88
CA THR C 28 2.00 -13.92 8.14
C THR C 28 1.16 -14.83 7.25
N PHE C 29 0.49 -15.80 7.86
CA PHE C 29 -0.19 -16.84 7.11
C PHE C 29 -1.27 -16.27 6.21
N THR C 30 -1.86 -15.15 6.61
CA THR C 30 -2.97 -14.58 5.86
C THR C 30 -2.53 -13.58 4.80
N ASP C 31 -1.23 -13.42 4.60
CA ASP C 31 -0.72 -12.47 3.61
C ASP C 31 -0.38 -13.13 2.29
N TYR C 32 -0.64 -14.43 2.14
CA TYR C 32 -0.33 -15.17 0.93
C TYR C 32 -1.35 -16.28 0.77
N ASN C 33 -1.49 -16.78 -0.46
CA ASN C 33 -2.38 -17.90 -0.73
C ASN C 33 -1.63 -19.22 -0.64
N ILE C 34 -2.34 -20.30 -0.92
CA ILE C 34 -1.80 -21.65 -0.82
C ILE C 34 -2.11 -22.39 -2.11
N ASP C 35 -1.13 -23.15 -2.61
CA ASP C 35 -1.31 -24.02 -3.76
C ASP C 35 -1.08 -25.47 -3.39
N TRP C 36 -1.68 -26.39 -4.15
CA TRP C 36 -1.41 -27.80 -4.04
C TRP C 36 -1.08 -28.38 -5.41
N VAL C 37 -0.01 -29.17 -5.47
CA VAL C 37 0.50 -29.75 -6.72
C VAL C 37 0.77 -31.23 -6.49
N LYS C 38 0.40 -32.05 -7.47
CA LYS C 38 0.58 -33.50 -7.42
C LYS C 38 1.60 -33.96 -8.44
N GLN C 39 2.61 -34.72 -7.99
CA GLN C 39 3.67 -35.22 -8.86
C GLN C 39 3.59 -36.73 -8.96
N SER C 40 3.22 -37.22 -10.14
CA SER C 40 2.94 -38.62 -10.38
C SER C 40 4.05 -39.24 -11.22
N HIS C 41 4.44 -40.47 -10.88
CA HIS C 41 5.49 -41.22 -11.56
C HIS C 41 6.84 -40.53 -11.48
N GLY C 42 7.00 -39.58 -10.57
CA GLY C 42 8.27 -38.91 -10.42
C GLY C 42 8.62 -37.92 -11.50
N THR C 43 7.75 -37.72 -12.49
CA THR C 43 8.02 -36.72 -13.52
C THR C 43 6.87 -35.76 -13.77
N SER C 44 5.64 -36.26 -13.74
CA SER C 44 4.49 -35.50 -14.21
C SER C 44 3.95 -34.61 -13.10
N LEU C 45 4.06 -33.30 -13.28
CA LEU C 45 3.52 -32.32 -12.34
C LEU C 45 2.17 -31.81 -12.81
N GLU C 46 1.26 -31.58 -11.88
CA GLU C 46 -0.03 -31.01 -12.21
C GLU C 46 -0.64 -30.32 -11.01
N TRP C 47 -1.48 -29.33 -11.30
CA TRP C 47 -1.98 -28.39 -10.32
C TRP C 47 -3.34 -28.83 -9.82
N ILE C 48 -3.49 -28.91 -8.51
CA ILE C 48 -4.77 -29.33 -7.95
C ILE C 48 -5.70 -28.14 -7.70
N GLY C 49 -5.30 -27.19 -6.87
CA GLY C 49 -6.20 -26.08 -6.60
C GLY C 49 -5.49 -24.98 -5.86
N HIS C 50 -6.20 -23.87 -5.71
CA HIS C 50 -5.69 -22.64 -5.13
C HIS C 50 -6.61 -22.23 -3.99
N LEU C 51 -6.04 -21.78 -2.88
CA LEU C 51 -6.80 -21.52 -1.66
C LEU C 51 -6.50 -20.13 -1.13
N ASP C 52 -7.55 -19.45 -0.65
CA ASP C 52 -7.42 -18.14 -0.02
C ASP C 52 -7.61 -18.28 1.48
N PRO C 53 -6.57 -18.09 2.28
CA PRO C 53 -6.71 -18.32 3.73
C PRO C 53 -7.67 -17.35 4.42
N ASN C 54 -7.78 -16.11 3.95
CA ASN C 54 -8.60 -15.12 4.64
C ASN C 54 -10.07 -15.52 4.65
N SER C 55 -10.58 -15.99 3.52
CA SER C 55 -11.98 -16.32 3.39
C SER C 55 -12.25 -17.80 3.17
N GLY C 56 -11.23 -18.57 2.83
CA GLY C 56 -11.43 -19.98 2.55
C GLY C 56 -11.93 -20.31 1.17
N GLY C 57 -11.89 -19.35 0.24
CA GLY C 57 -12.35 -19.63 -1.11
C GLY C 57 -11.30 -20.39 -1.91
N THR C 58 -11.78 -21.22 -2.82
CA THR C 58 -10.92 -22.14 -3.56
C THR C 58 -11.19 -22.03 -5.06
N VAL C 59 -10.14 -22.22 -5.83
CA VAL C 59 -10.24 -22.42 -7.28
C VAL C 59 -9.70 -23.80 -7.60
N TYR C 60 -10.58 -24.69 -8.00
CA TYR C 60 -10.21 -26.07 -8.27
C TYR C 60 -9.80 -26.28 -9.71
N ASN C 61 -9.12 -27.37 -9.95
CA ASN C 61 -8.90 -27.87 -11.29
C ASN C 61 -10.00 -28.87 -11.61
N GLN C 62 -10.69 -28.68 -12.72
CA GLN C 62 -11.85 -29.52 -13.00
C GLN C 62 -11.48 -30.98 -13.18
N LYS C 63 -10.19 -31.27 -13.37
CA LYS C 63 -9.74 -32.66 -13.36
C LYS C 63 -9.89 -33.29 -11.99
N PHE C 64 -9.80 -32.51 -10.92
CA PHE C 64 -9.80 -33.01 -9.56
C PHE C 64 -11.03 -32.60 -8.75
N ARG C 65 -12.13 -32.26 -9.41
CA ARG C 65 -13.25 -31.66 -8.69
C ARG C 65 -13.86 -32.62 -7.69
N GLY C 66 -14.08 -33.85 -8.09
CA GLY C 66 -14.70 -34.80 -7.19
C GLY C 66 -13.72 -35.50 -6.27
N LYS C 67 -12.42 -35.32 -6.53
CA LYS C 67 -11.39 -36.03 -5.79
C LYS C 67 -10.96 -35.27 -4.54
N ALA C 68 -10.55 -34.02 -4.71
CA ALA C 68 -9.94 -33.25 -3.64
C ALA C 68 -10.83 -32.13 -3.15
N THR C 69 -10.71 -31.79 -1.86
CA THR C 69 -11.25 -30.56 -1.32
C THR C 69 -10.16 -29.88 -0.50
N LEU C 70 -10.07 -28.57 -0.61
CA LEU C 70 -9.06 -27.79 0.11
C LEU C 70 -9.74 -27.00 1.22
N THR C 71 -9.20 -27.10 2.43
CA THR C 71 -9.73 -26.38 3.59
C THR C 71 -8.60 -25.68 4.31
N VAL C 72 -8.96 -24.77 5.21
CA VAL C 72 -7.99 -23.94 5.91
C VAL C 72 -8.39 -23.84 7.37
N ASP C 73 -7.40 -23.54 8.21
CA ASP C 73 -7.63 -23.21 9.61
C ASP C 73 -6.71 -22.06 9.93
N LYS C 74 -7.28 -20.87 10.13
CA LYS C 74 -6.46 -19.70 10.46
C LYS C 74 -5.87 -19.80 11.85
N SER C 75 -6.59 -20.43 12.79
CA SER C 75 -6.19 -20.45 14.19
C SER C 75 -4.93 -21.25 14.47
N SER C 76 -4.44 -22.03 13.50
CA SER C 76 -3.19 -22.76 13.64
C SER C 76 -2.25 -22.56 12.46
N SER C 77 -2.59 -21.69 11.51
CA SER C 77 -1.80 -21.47 10.31
C SER C 77 -1.59 -22.78 9.55
N THR C 78 -2.68 -23.51 9.32
CA THR C 78 -2.61 -24.82 8.72
C THR C 78 -3.59 -24.92 7.56
N ALA C 79 -3.18 -25.55 6.48
CA ALA C 79 -4.02 -25.84 5.35
C ALA C 79 -4.07 -27.34 5.12
N TYR C 80 -5.20 -27.83 4.63
CA TYR C 80 -5.42 -29.25 4.48
C TYR C 80 -5.75 -29.60 3.04
N LEU C 81 -5.42 -30.84 2.65
CA LEU C 81 -5.87 -31.43 1.40
C LEU C 81 -6.46 -32.80 1.70
N GLU C 82 -7.69 -33.02 1.25
CA GLU C 82 -8.40 -34.27 1.51
C GLU C 82 -8.76 -34.94 0.19
N LEU C 83 -8.42 -36.23 0.08
CA LEU C 83 -8.71 -37.03 -1.12
C LEU C 83 -9.77 -38.05 -0.77
N ARG C 84 -10.83 -38.12 -1.57
CA ARG C 84 -12.07 -38.74 -1.12
C ARG C 84 -12.12 -40.25 -1.32
N SER C 85 -11.67 -40.76 -2.46
CA SER C 85 -11.78 -42.21 -2.70
C SER C 85 -10.53 -42.66 -3.47
N LEU C 86 -9.50 -43.07 -2.73
CA LEU C 86 -8.23 -43.41 -3.35
C LEU C 86 -8.31 -44.69 -4.17
N THR C 87 -7.61 -44.66 -5.30
CA THR C 87 -7.38 -45.83 -6.13
C THR C 87 -5.91 -45.87 -6.50
N SER C 88 -5.57 -46.78 -7.42
CA SER C 88 -4.17 -46.93 -7.80
C SER C 88 -3.63 -45.71 -8.54
N GLU C 89 -4.52 -44.94 -9.17
CA GLU C 89 -4.09 -43.75 -9.88
C GLU C 89 -3.77 -42.59 -8.97
N ASP C 90 -4.09 -42.69 -7.69
CA ASP C 90 -3.90 -41.59 -6.75
C ASP C 90 -2.60 -41.68 -5.99
N THR C 91 -1.76 -42.65 -6.31
CA THR C 91 -0.44 -42.74 -5.70
C THR C 91 0.47 -41.69 -6.31
N ALA C 92 0.90 -40.74 -5.51
CA ALA C 92 1.84 -39.71 -5.92
C ALA C 92 2.30 -38.97 -4.69
N VAL C 93 3.19 -38.01 -4.90
CA VAL C 93 3.65 -37.09 -3.86
C VAL C 93 2.88 -35.80 -4.02
N TYR C 94 2.30 -35.32 -2.93
CA TYR C 94 1.44 -34.14 -2.95
C TYR C 94 2.15 -33.01 -2.21
N TYR C 95 2.33 -31.89 -2.90
CA TYR C 95 3.07 -30.75 -2.38
C TYR C 95 2.14 -29.59 -2.07
N CYS C 96 2.31 -28.98 -0.91
CA CYS C 96 1.75 -27.66 -0.64
C CYS C 96 2.82 -26.62 -0.88
N ALA C 97 2.40 -25.44 -1.32
CA ALA C 97 3.34 -24.38 -1.60
C ALA C 97 2.69 -23.04 -1.27
N ARG C 98 3.52 -22.02 -1.13
CA ARG C 98 3.04 -20.68 -0.87
C ARG C 98 3.07 -19.88 -2.15
N SER C 99 1.99 -19.17 -2.43
CA SER C 99 1.87 -18.40 -3.66
C SER C 99 1.67 -16.94 -3.35
N THR C 100 2.33 -16.08 -4.13
CA THR C 100 2.16 -14.64 -3.98
C THR C 100 0.90 -14.12 -4.67
N MET C 101 0.26 -14.94 -5.48
CA MET C 101 -0.93 -14.51 -6.19
C MET C 101 -2.09 -14.30 -5.22
N GLY C 102 -2.94 -13.34 -5.55
CA GLY C 102 -4.08 -13.00 -4.72
C GLY C 102 -4.28 -11.52 -4.62
N VAL C 103 -3.19 -10.77 -4.68
CA VAL C 103 -3.23 -9.31 -4.70
C VAL C 103 -2.44 -8.84 -5.90
N TYR C 104 -2.48 -7.53 -6.14
CA TYR C 104 -1.64 -6.92 -7.16
C TYR C 104 -0.22 -6.79 -6.65
N ARG C 105 0.73 -7.36 -7.37
CA ARG C 105 2.14 -7.28 -7.03
C ARG C 105 2.78 -6.26 -7.95
N SER C 106 3.47 -5.30 -7.36
CA SER C 106 4.06 -4.21 -8.14
C SER C 106 5.17 -4.71 -9.06
N ASP C 107 5.96 -5.67 -8.60
CA ASP C 107 7.04 -6.21 -9.41
C ASP C 107 6.60 -7.29 -10.37
N GLY C 108 5.33 -7.68 -10.35
CA GLY C 108 4.86 -8.71 -11.24
C GLY C 108 5.31 -10.11 -10.88
N TYR C 109 5.64 -10.36 -9.63
CA TYR C 109 6.12 -11.66 -9.15
C TYR C 109 4.93 -12.47 -8.63
N TYR C 110 4.33 -13.25 -9.51
CA TYR C 110 3.24 -14.16 -9.16
C TYR C 110 3.77 -15.57 -9.33
N ALA C 111 4.03 -16.27 -8.23
CA ALA C 111 4.67 -17.58 -8.29
C ALA C 111 4.42 -18.35 -7.02
N MET C 112 4.69 -19.65 -7.07
CA MET C 112 4.81 -20.48 -5.86
C MET C 112 6.24 -20.35 -5.38
N ASP C 113 6.47 -19.53 -4.35
CA ASP C 113 7.84 -19.21 -4.00
C ASP C 113 8.42 -20.07 -2.88
N TYR C 114 7.59 -20.75 -2.09
CA TYR C 114 8.10 -21.66 -1.07
C TYR C 114 7.25 -22.92 -1.06
N TRP C 115 7.90 -24.07 -1.09
CA TRP C 115 7.24 -25.36 -1.16
C TRP C 115 7.50 -26.15 0.12
N GLY C 116 6.53 -26.97 0.48
CA GLY C 116 6.76 -27.94 1.52
C GLY C 116 7.26 -29.24 0.94
N GLN C 117 7.98 -30.01 1.75
CA GLN C 117 8.38 -31.33 1.32
C GLN C 117 7.13 -32.17 1.12
N GLY C 118 7.14 -33.02 0.11
CA GLY C 118 5.93 -33.71 -0.24
C GLY C 118 5.55 -34.77 0.77
N THR C 119 4.27 -35.14 0.73
CA THR C 119 3.77 -36.29 1.46
C THR C 119 3.45 -37.37 0.45
N SER C 120 4.18 -38.47 0.50
CA SER C 120 3.95 -39.57 -0.41
C SER C 120 2.75 -40.36 0.05
N VAL C 121 1.89 -40.71 -0.89
CA VAL C 121 0.67 -41.46 -0.61
C VAL C 121 0.73 -42.75 -1.41
N THR C 122 0.65 -43.88 -0.71
CA THR C 122 0.65 -45.20 -1.32
C THR C 122 -0.70 -45.84 -1.06
N VAL C 123 -1.37 -46.28 -2.13
CA VAL C 123 -2.66 -46.93 -2.04
C VAL C 123 -2.46 -48.40 -2.38
N SER C 124 -2.69 -49.27 -1.40
CA SER C 124 -2.54 -50.70 -1.60
C SER C 124 -3.32 -51.41 -0.52
N SER C 125 -3.76 -52.64 -0.82
CA SER C 125 -4.42 -53.44 0.20
C SER C 125 -3.44 -54.32 0.95
N ALA C 126 -2.20 -54.40 0.48
CA ALA C 126 -1.22 -55.29 1.09
C ALA C 126 -0.86 -54.81 2.49
N LYS C 127 -0.39 -55.72 3.32
CA LYS C 127 -0.09 -55.40 4.71
C LYS C 127 1.35 -54.94 4.88
N THR C 128 1.58 -54.18 5.94
CA THR C 128 2.93 -53.69 6.26
C THR C 128 3.81 -54.85 6.71
N THR C 129 5.09 -54.77 6.35
CA THR C 129 6.06 -55.79 6.72
C THR C 129 7.37 -55.15 7.15
N PRO C 130 7.83 -55.37 8.38
CA PRO C 130 9.08 -54.75 8.81
C PRO C 130 10.26 -55.28 8.03
N PRO C 131 11.28 -54.48 7.80
CA PRO C 131 12.41 -54.93 6.98
C PRO C 131 13.32 -55.89 7.74
N SER C 132 14.19 -56.55 6.98
CA SER C 132 15.27 -57.34 7.54
C SER C 132 16.60 -56.70 7.14
N VAL C 133 17.48 -56.50 8.12
CA VAL C 133 18.75 -55.83 7.90
C VAL C 133 19.85 -56.88 8.03
N TYR C 134 20.66 -57.00 6.99
CA TYR C 134 21.84 -57.84 7.02
C TYR C 134 23.07 -56.99 6.75
N PRO C 135 24.09 -57.06 7.60
CA PRO C 135 25.30 -56.28 7.34
C PRO C 135 26.12 -56.92 6.22
N LEU C 136 26.95 -56.10 5.60
CA LEU C 136 27.89 -56.55 4.58
C LEU C 136 29.30 -56.39 5.09
N ALA C 137 30.14 -57.40 4.85
CA ALA C 137 31.52 -57.37 5.32
C ALA C 137 32.43 -57.88 4.23
N PRO C 138 33.68 -57.41 4.19
CA PRO C 138 34.62 -57.89 3.18
C PRO C 138 35.02 -59.33 3.42
N GLY C 139 35.47 -59.99 2.35
CA GLY C 139 35.94 -61.35 2.44
C GLY C 139 37.39 -61.46 2.89
N CYS C 140 37.88 -62.70 2.89
CA CYS C 140 39.25 -62.96 3.34
C CYS C 140 40.29 -62.30 2.44
N GLY C 141 40.11 -62.38 1.12
CA GLY C 141 41.05 -61.78 0.19
C GLY C 141 40.88 -60.27 0.13
N ASP C 142 41.24 -59.60 1.23
CA ASP C 142 40.93 -58.18 1.35
C ASP C 142 41.73 -57.34 0.37
N THR C 143 43.05 -57.56 0.29
CA THR C 143 43.95 -56.68 -0.45
C THR C 143 43.73 -55.22 -0.05
N THR C 144 43.65 -54.99 1.26
CA THR C 144 43.21 -53.69 1.79
C THR C 144 44.16 -52.58 1.36
N GLY C 145 43.59 -51.48 0.88
CA GLY C 145 44.35 -50.28 0.58
C GLY C 145 44.20 -49.26 1.68
N SER C 146 44.35 -47.99 1.30
CA SER C 146 44.19 -46.90 2.25
C SER C 146 42.75 -46.77 2.75
N SER C 147 41.78 -47.26 1.99
CA SER C 147 40.38 -47.16 2.36
C SER C 147 39.68 -48.48 2.05
N VAL C 148 38.54 -48.70 2.71
CA VAL C 148 37.80 -49.94 2.62
C VAL C 148 36.34 -49.64 2.33
N THR C 149 35.64 -50.64 1.79
CA THR C 149 34.25 -50.50 1.38
C THR C 149 33.36 -51.44 2.18
N LEU C 150 32.32 -50.88 2.80
CA LEU C 150 31.34 -51.64 3.55
C LEU C 150 29.96 -51.34 3.03
N GLY C 151 28.95 -51.98 3.60
CA GLY C 151 27.60 -51.73 3.14
C GLY C 151 26.57 -52.43 4.00
N CYS C 152 25.31 -52.17 3.66
CA CYS C 152 24.18 -52.76 4.35
C CYS C 152 23.16 -53.22 3.32
N LEU C 153 22.37 -54.23 3.68
CA LEU C 153 21.32 -54.73 2.79
C LEU C 153 20.02 -54.75 3.56
N VAL C 154 19.00 -54.09 3.00
CA VAL C 154 17.65 -54.09 3.56
C VAL C 154 16.77 -54.87 2.61
N LYS C 155 16.09 -55.88 3.12
CA LYS C 155 15.33 -56.80 2.27
C LYS C 155 13.95 -57.04 2.85
N GLY C 156 12.95 -56.98 1.98
CA GLY C 156 11.59 -57.38 2.32
C GLY C 156 10.85 -56.41 3.22
N TYR C 157 10.55 -55.21 2.73
CA TYR C 157 9.81 -54.24 3.51
C TYR C 157 8.73 -53.60 2.64
N PHE C 158 7.69 -53.09 3.29
CA PHE C 158 6.58 -52.46 2.60
C PHE C 158 5.87 -51.54 3.58
N PRO C 159 5.45 -50.34 3.18
CA PRO C 159 5.58 -49.69 1.85
C PRO C 159 6.96 -49.13 1.59
N GLU C 160 7.07 -48.17 0.67
CA GLU C 160 8.37 -47.65 0.24
C GLU C 160 8.74 -46.40 1.03
N SER C 161 9.35 -46.61 2.18
CA SER C 161 10.01 -45.51 2.88
C SER C 161 11.04 -46.10 3.83
N VAL C 162 12.32 -45.91 3.52
CA VAL C 162 13.41 -46.38 4.35
C VAL C 162 14.55 -45.39 4.24
N THR C 163 15.14 -45.06 5.38
CA THR C 163 16.31 -44.19 5.44
C THR C 163 17.44 -44.94 6.13
N VAL C 164 18.63 -44.89 5.55
CA VAL C 164 19.79 -45.59 6.08
C VAL C 164 20.78 -44.56 6.59
N THR C 165 21.24 -44.74 7.82
CA THR C 165 22.23 -43.86 8.43
C THR C 165 23.42 -44.68 8.88
N TRP C 166 24.61 -44.10 8.75
CA TRP C 166 25.86 -44.76 9.12
C TRP C 166 26.51 -44.00 10.28
N ASN C 167 27.06 -44.76 11.24
CA ASN C 167 27.87 -44.21 12.32
C ASN C 167 27.12 -43.13 13.07
N SER C 168 25.85 -43.39 13.35
CA SER C 168 24.96 -42.48 14.07
C SER C 168 24.86 -41.11 13.42
N GLY C 169 24.92 -41.06 12.08
CA GLY C 169 24.81 -39.82 11.36
C GLY C 169 26.06 -38.96 11.36
N SER C 170 27.19 -39.49 11.82
CA SER C 170 28.42 -38.70 11.85
C SER C 170 29.02 -38.48 10.47
N LEU C 171 28.71 -39.35 9.51
CA LEU C 171 29.28 -39.26 8.17
C LEU C 171 28.21 -38.78 7.20
N SER C 172 28.58 -37.80 6.36
CA SER C 172 27.66 -37.26 5.37
C SER C 172 28.26 -37.24 3.97
N SER C 173 29.44 -37.81 3.79
CA SER C 173 30.08 -37.87 2.48
C SER C 173 30.63 -39.27 2.26
N SER C 174 30.98 -39.56 1.01
CA SER C 174 31.46 -40.89 0.61
C SER C 174 30.42 -41.96 0.93
N VAL C 175 29.14 -41.64 0.70
CA VAL C 175 28.03 -42.54 1.00
C VAL C 175 27.17 -42.66 -0.26
N HIS C 176 26.79 -43.89 -0.59
CA HIS C 176 25.92 -44.15 -1.73
C HIS C 176 24.66 -44.86 -1.28
N THR C 177 23.51 -44.32 -1.69
CA THR C 177 22.21 -44.92 -1.42
C THR C 177 21.59 -45.34 -2.75
N PHE C 178 21.04 -46.57 -2.79
CA PHE C 178 20.52 -47.11 -4.03
C PHE C 178 19.01 -47.19 -4.00
N PRO C 179 18.33 -46.73 -5.04
CA PRO C 179 16.86 -46.78 -5.04
C PRO C 179 16.35 -48.21 -4.96
N ALA C 180 15.23 -48.39 -4.27
CA ALA C 180 14.67 -49.71 -4.06
C ALA C 180 13.96 -50.21 -5.31
N LEU C 181 13.84 -51.53 -5.40
CA LEU C 181 13.19 -52.18 -6.53
C LEU C 181 12.25 -53.26 -6.01
N LEU C 182 11.08 -53.35 -6.63
CA LEU C 182 10.07 -54.32 -6.22
C LEU C 182 10.55 -55.73 -6.52
N GLN C 183 10.35 -56.63 -5.56
CA GLN C 183 10.73 -58.03 -5.71
C GLN C 183 9.64 -58.88 -5.08
N SER C 184 8.79 -59.47 -5.92
CA SER C 184 7.72 -60.36 -5.46
C SER C 184 6.83 -59.68 -4.43
N GLY C 185 6.52 -58.42 -4.66
CA GLY C 185 5.63 -57.69 -3.78
C GLY C 185 6.27 -57.04 -2.57
N LEU C 186 7.60 -57.05 -2.48
CA LEU C 186 8.30 -56.40 -1.39
C LEU C 186 9.46 -55.60 -1.96
N TYR C 187 9.89 -54.57 -1.22
CA TYR C 187 11.00 -53.73 -1.65
C TYR C 187 12.32 -54.24 -1.09
N THR C 188 13.41 -53.74 -1.66
CA THR C 188 14.75 -54.04 -1.18
C THR C 188 15.72 -52.95 -1.63
N MET C 189 16.60 -52.55 -0.72
CA MET C 189 17.58 -51.51 -1.02
C MET C 189 18.86 -51.78 -0.25
N SER C 190 19.93 -51.12 -0.68
CA SER C 190 21.22 -51.25 -0.05
C SER C 190 21.89 -49.88 0.02
N SER C 191 22.91 -49.78 0.85
CA SER C 191 23.72 -48.58 0.92
C SER C 191 25.18 -49.00 1.07
N SER C 192 26.08 -48.06 0.77
CA SER C 192 27.51 -48.34 0.82
C SER C 192 28.26 -47.11 1.29
N VAL C 193 29.46 -47.34 1.83
CA VAL C 193 30.30 -46.26 2.34
C VAL C 193 31.75 -46.68 2.19
N THR C 194 32.62 -45.69 2.02
CA THR C 194 34.06 -45.89 1.95
C THR C 194 34.70 -45.13 3.10
N VAL C 195 35.48 -45.84 3.91
CA VAL C 195 36.16 -45.21 5.06
C VAL C 195 37.62 -45.63 5.08
N PRO C 196 38.48 -44.78 5.62
CA PRO C 196 39.89 -45.14 5.76
C PRO C 196 40.07 -46.36 6.65
N SER C 197 41.10 -47.15 6.35
CA SER C 197 41.31 -48.42 7.02
C SER C 197 41.48 -48.24 8.52
N SER C 198 40.64 -48.92 9.30
CA SER C 198 40.70 -48.87 10.76
C SER C 198 39.89 -50.00 11.38
N ASP D 1 -4.30 30.46 -13.55
CA ASP D 1 -5.16 29.84 -12.56
C ASP D 1 -6.49 30.54 -12.47
N ILE D 2 -7.52 29.83 -12.02
CA ILE D 2 -8.88 30.33 -12.09
C ILE D 2 -9.18 31.11 -10.82
N GLN D 3 -9.37 32.42 -10.96
CA GLN D 3 -9.69 33.26 -9.82
C GLN D 3 -11.14 33.10 -9.42
N MET D 4 -11.38 32.96 -8.12
CA MET D 4 -12.69 32.63 -7.60
C MET D 4 -13.08 33.66 -6.56
N THR D 5 -14.19 34.35 -6.79
CA THR D 5 -14.55 35.51 -5.99
C THR D 5 -15.95 35.32 -5.43
N GLN D 6 -16.10 35.57 -4.14
CA GLN D 6 -17.40 35.56 -3.48
C GLN D 6 -17.83 36.99 -3.20
N THR D 7 -19.12 37.25 -3.32
CA THR D 7 -19.60 38.64 -3.34
C THR D 7 -19.39 39.34 -2.01
N THR D 8 -19.72 38.68 -0.91
CA THR D 8 -19.78 39.33 0.39
C THR D 8 -18.99 38.53 1.42
N SER D 9 -18.22 39.23 2.24
CA SER D 9 -17.45 38.58 3.29
C SER D 9 -18.29 38.23 4.50
N SER D 10 -19.32 39.01 4.81
CA SER D 10 -20.16 38.72 5.96
C SER D 10 -21.62 38.82 5.56
N LEU D 11 -22.44 37.97 6.18
CA LEU D 11 -23.87 37.93 5.91
C LEU D 11 -24.61 37.95 7.23
N SER D 12 -25.44 38.97 7.42
CA SER D 12 -26.30 39.02 8.57
C SER D 12 -27.57 38.24 8.27
N ALA D 13 -28.03 37.48 9.26
CA ALA D 13 -29.19 36.63 9.11
C ALA D 13 -29.79 36.40 10.49
N SER D 14 -30.99 35.85 10.50
CA SER D 14 -31.67 35.54 11.75
C SER D 14 -32.14 34.09 11.67
N LEU D 15 -32.26 33.46 12.84
CA LEU D 15 -32.58 32.03 12.86
C LEU D 15 -33.92 31.76 12.19
N GLY D 16 -33.93 30.77 11.30
CA GLY D 16 -35.10 30.45 10.51
C GLY D 16 -35.18 31.16 9.18
N ASP D 17 -34.34 32.15 8.94
CA ASP D 17 -34.34 32.86 7.67
C ASP D 17 -33.74 31.97 6.59
N ARG D 18 -33.91 32.37 5.34
CA ARG D 18 -33.34 31.66 4.20
C ARG D 18 -32.10 32.39 3.71
N VAL D 19 -30.94 31.79 3.90
CA VAL D 19 -29.66 32.40 3.56
C VAL D 19 -29.19 31.82 2.23
N THR D 20 -28.63 32.68 1.37
CA THR D 20 -28.07 32.27 0.09
C THR D 20 -26.70 32.90 -0.10
N ILE D 21 -25.75 32.10 -0.59
CA ILE D 21 -24.36 32.52 -0.77
C ILE D 21 -23.95 32.19 -2.20
N SER D 22 -23.37 33.16 -2.90
CA SER D 22 -23.04 33.01 -4.30
C SER D 22 -21.54 33.03 -4.52
N CYS D 23 -21.10 32.30 -5.55
CA CYS D 23 -19.70 32.21 -5.94
C CYS D 23 -19.58 32.53 -7.41
N ARG D 24 -18.39 32.95 -7.83
CA ARG D 24 -18.18 33.32 -9.22
C ARG D 24 -16.75 33.00 -9.65
N ALA D 25 -16.61 32.43 -10.83
CA ALA D 25 -15.31 32.00 -11.35
C ALA D 25 -14.93 32.83 -12.55
N SER D 26 -13.63 33.11 -12.67
CA SER D 26 -13.15 33.93 -13.76
C SER D 26 -13.23 33.23 -15.11
N GLN D 27 -13.54 31.94 -15.12
CA GLN D 27 -13.58 31.13 -16.32
C GLN D 27 -14.48 29.94 -16.04
N GLY D 28 -15.17 29.47 -17.06
CA GLY D 28 -16.17 28.42 -16.87
C GLY D 28 -15.57 27.15 -16.32
N VAL D 29 -16.13 26.67 -15.21
CA VAL D 29 -15.81 25.35 -14.67
C VAL D 29 -16.98 24.42 -14.98
N ASN D 30 -16.70 23.29 -15.60
CA ASN D 30 -17.75 22.40 -16.10
C ASN D 30 -18.39 21.71 -14.90
N ASN D 31 -19.14 22.50 -14.15
CA ASN D 31 -19.56 22.17 -12.78
C ASN D 31 -18.25 21.94 -12.02
N TYR D 32 -18.15 20.92 -11.18
CA TYR D 32 -16.95 20.71 -10.36
C TYR D 32 -16.67 21.93 -9.51
N LEU D 33 -17.69 22.37 -8.77
CA LEU D 33 -17.55 23.38 -7.74
C LEU D 33 -18.13 22.84 -6.44
N ASN D 34 -17.34 22.95 -5.36
CA ASN D 34 -17.66 22.36 -4.07
C ASN D 34 -17.83 23.44 -3.01
N TRP D 35 -18.50 23.09 -1.92
CA TRP D 35 -18.78 24.01 -0.82
C TRP D 35 -18.36 23.38 0.49
N TYR D 36 -17.53 24.09 1.25
CA TYR D 36 -17.01 23.63 2.53
C TYR D 36 -17.49 24.55 3.63
N GLN D 37 -17.58 24.01 4.84
CA GLN D 37 -17.97 24.75 6.03
C GLN D 37 -16.93 24.62 7.13
N GLN D 38 -16.38 25.74 7.59
CA GLN D 38 -15.39 25.76 8.68
C GLN D 38 -16.02 26.33 9.94
N LYS D 39 -16.17 25.48 10.96
CA LYS D 39 -16.70 25.91 12.24
C LYS D 39 -15.74 26.90 12.88
N PRO D 40 -16.22 27.71 13.84
CA PRO D 40 -15.30 28.66 14.47
C PRO D 40 -14.11 28.01 15.13
N ASP D 41 -14.25 26.77 15.61
CA ASP D 41 -13.14 26.08 16.23
C ASP D 41 -12.11 25.60 15.23
N GLY D 42 -12.38 25.69 13.93
CA GLY D 42 -11.38 25.44 12.92
C GLY D 42 -11.54 24.15 12.15
N SER D 43 -12.56 23.34 12.44
CA SER D 43 -12.74 22.09 11.69
C SER D 43 -13.44 22.36 10.37
N VAL D 44 -13.06 21.61 9.35
CA VAL D 44 -13.56 21.79 7.99
C VAL D 44 -14.20 20.49 7.55
N LYS D 45 -15.27 20.61 6.76
CA LYS D 45 -15.87 19.46 6.10
C LYS D 45 -16.64 19.89 4.87
N LEU D 46 -16.88 18.93 3.98
CA LEU D 46 -17.51 19.19 2.71
C LEU D 46 -19.02 19.16 2.85
N LEU D 47 -19.68 20.15 2.26
CA LEU D 47 -21.14 20.17 2.23
C LEU D 47 -21.69 19.63 0.93
N ILE D 48 -21.25 20.17 -0.20
CA ILE D 48 -21.80 19.85 -1.50
C ILE D 48 -20.68 19.73 -2.51
N TYR D 49 -20.75 18.71 -3.36
CA TYR D 49 -19.80 18.53 -4.44
C TYR D 49 -20.54 18.47 -5.76
N TYR D 50 -19.85 18.83 -6.84
CA TYR D 50 -20.38 18.75 -8.18
C TYR D 50 -21.69 19.53 -8.29
N THR D 51 -21.72 20.64 -7.58
CA THR D 51 -22.67 21.74 -7.71
C THR D 51 -24.06 21.43 -7.18
N SER D 52 -24.38 20.17 -6.93
CA SER D 52 -25.70 19.88 -6.41
C SER D 52 -25.76 18.70 -5.47
N ASN D 53 -24.65 18.00 -5.22
CA ASN D 53 -24.72 16.71 -4.57
C ASN D 53 -24.39 16.82 -3.09
N LEU D 54 -25.31 16.36 -2.25
CA LEU D 54 -25.07 16.39 -0.82
C LEU D 54 -24.05 15.33 -0.43
N HIS D 55 -23.07 15.72 0.36
CA HIS D 55 -22.15 14.76 0.96
C HIS D 55 -22.88 13.98 2.04
N SER D 56 -22.43 12.76 2.26
CA SER D 56 -23.03 11.95 3.29
C SER D 56 -22.84 12.59 4.66
N GLY D 57 -23.93 12.67 5.42
CA GLY D 57 -23.90 13.26 6.73
C GLY D 57 -24.23 14.74 6.78
N ALA D 58 -24.15 15.44 5.66
CA ALA D 58 -24.52 16.84 5.67
C ALA D 58 -26.03 16.98 5.87
N PRO D 59 -26.48 17.97 6.62
CA PRO D 59 -27.92 18.16 6.82
C PRO D 59 -28.61 18.50 5.51
N SER D 60 -29.90 18.17 5.43
CA SER D 60 -30.67 18.39 4.22
C SER D 60 -30.97 19.86 3.95
N ARG D 61 -30.67 20.75 4.90
CA ARG D 61 -30.98 22.17 4.72
C ARG D 61 -30.16 22.79 3.62
N PHE D 62 -29.08 22.15 3.22
CA PHE D 62 -28.18 22.71 2.22
C PHE D 62 -28.55 22.22 0.83
N SER D 63 -28.44 23.11 -0.14
CA SER D 63 -28.68 22.75 -1.53
C SER D 63 -27.75 23.56 -2.38
N GLY D 64 -27.53 23.11 -3.60
CA GLY D 64 -26.60 23.77 -4.50
C GLY D 64 -27.23 23.94 -5.86
N SER D 65 -26.77 24.97 -6.56
CA SER D 65 -27.28 25.26 -7.89
C SER D 65 -26.26 26.10 -8.62
N GLY D 66 -26.44 26.21 -9.92
CA GLY D 66 -25.55 27.02 -10.72
C GLY D 66 -25.03 26.29 -11.94
N SER D 67 -24.37 27.02 -12.83
CA SER D 67 -23.79 26.42 -14.02
C SER D 67 -22.87 27.44 -14.65
N GLY D 68 -21.89 26.96 -15.40
CA GLY D 68 -20.94 27.83 -16.03
C GLY D 68 -20.06 28.54 -15.04
N THR D 69 -20.24 29.85 -14.89
CA THR D 69 -19.42 30.68 -14.04
C THR D 69 -20.10 31.15 -12.77
N ASP D 70 -21.36 30.79 -12.53
CA ASP D 70 -22.09 31.32 -11.40
C ASP D 70 -22.78 30.19 -10.63
N TYR D 71 -22.54 30.13 -9.32
CA TYR D 71 -23.02 29.05 -8.48
C TYR D 71 -23.55 29.62 -7.17
N SER D 72 -24.37 28.87 -6.47
CA SER D 72 -24.94 29.38 -5.23
C SER D 72 -25.15 28.27 -4.22
N LEU D 73 -25.07 28.64 -2.95
CA LEU D 73 -25.40 27.75 -1.84
C LEU D 73 -26.61 28.31 -1.12
N THR D 74 -27.49 27.43 -0.66
CA THR D 74 -28.71 27.86 0.00
C THR D 74 -28.92 27.03 1.26
N ILE D 75 -29.30 27.71 2.34
CA ILE D 75 -29.70 27.06 3.59
C ILE D 75 -31.17 27.37 3.82
N SER D 76 -31.99 26.34 3.95
CA SER D 76 -33.43 26.55 3.99
C SER D 76 -33.88 27.18 5.29
N ASN D 77 -33.41 26.67 6.42
CA ASN D 77 -33.74 27.23 7.74
C ASN D 77 -32.43 27.42 8.48
N LEU D 78 -31.95 28.67 8.52
CA LEU D 78 -30.73 28.98 9.24
C LEU D 78 -30.86 28.64 10.71
N GLU D 79 -29.90 27.90 11.24
CA GLU D 79 -29.89 27.47 12.62
C GLU D 79 -28.65 27.95 13.34
N GLN D 80 -28.59 27.68 14.64
CA GLN D 80 -27.44 28.09 15.43
C GLN D 80 -26.20 27.29 15.07
N GLU D 81 -26.38 26.01 14.73
CA GLU D 81 -25.24 25.19 14.32
C GLU D 81 -24.69 25.62 12.97
N ASP D 82 -25.42 26.43 12.22
CA ASP D 82 -25.05 26.79 10.86
C ASP D 82 -24.32 28.12 10.79
N ILE D 83 -23.89 28.67 11.92
CA ILE D 83 -23.18 29.95 11.94
C ILE D 83 -21.69 29.63 11.81
N ALA D 84 -21.15 29.80 10.61
CA ALA D 84 -19.77 29.45 10.31
C ALA D 84 -19.36 30.16 9.03
N THR D 85 -18.21 29.77 8.49
CA THR D 85 -17.67 30.34 7.25
C THR D 85 -17.79 29.32 6.13
N TYR D 86 -17.96 29.80 4.90
CA TYR D 86 -18.26 28.95 3.75
C TYR D 86 -17.34 29.33 2.60
N PHE D 87 -16.78 28.33 1.93
CA PHE D 87 -15.81 28.52 0.86
C PHE D 87 -16.25 27.77 -0.39
N CYS D 88 -16.12 28.41 -1.54
CA CYS D 88 -16.33 27.73 -2.80
C CYS D 88 -14.98 27.39 -3.43
N GLN D 89 -14.91 26.22 -4.04
CA GLN D 89 -13.67 25.73 -4.61
C GLN D 89 -13.94 25.11 -5.97
N GLN D 90 -13.09 25.41 -6.94
CA GLN D 90 -13.17 24.78 -8.26
C GLN D 90 -12.15 23.66 -8.39
N ALA D 91 -12.53 22.62 -9.13
CA ALA D 91 -11.68 21.47 -9.37
C ALA D 91 -11.59 21.11 -10.85
N ASN D 92 -11.84 22.08 -11.73
CA ASN D 92 -11.80 21.80 -13.16
C ASN D 92 -10.39 21.79 -13.71
N MET D 93 -9.48 22.56 -13.11
CA MET D 93 -8.11 22.61 -13.58
C MET D 93 -7.18 22.78 -12.40
N VAL D 94 -6.04 22.10 -12.49
CA VAL D 94 -4.96 22.23 -11.51
C VAL D 94 -4.19 23.51 -11.81
N PRO D 95 -3.87 24.33 -10.80
CA PRO D 95 -4.11 24.17 -9.37
C PRO D 95 -5.55 24.41 -8.94
N TRP D 96 -6.01 23.69 -7.92
CA TRP D 96 -7.31 23.95 -7.35
C TRP D 96 -7.31 25.26 -6.58
N THR D 97 -8.36 26.07 -6.75
CA THR D 97 -8.44 27.38 -6.12
C THR D 97 -9.71 27.50 -5.30
N PHE D 98 -9.64 28.28 -4.24
CA PHE D 98 -10.72 28.45 -3.27
C PHE D 98 -11.29 29.86 -3.34
N GLY D 99 -12.48 30.02 -2.78
CA GLY D 99 -13.07 31.33 -2.63
C GLY D 99 -12.61 32.03 -1.36
N GLY D 100 -12.97 33.30 -1.25
CA GLY D 100 -12.49 34.12 -0.16
C GLY D 100 -13.15 33.85 1.17
N GLY D 101 -14.32 33.24 1.17
CA GLY D 101 -15.01 32.98 2.42
C GLY D 101 -16.13 33.97 2.70
N THR D 102 -17.11 33.52 3.46
CA THR D 102 -18.25 34.32 3.90
C THR D 102 -18.70 33.84 5.27
N LYS D 103 -18.61 34.69 6.27
CA LYS D 103 -18.94 34.32 7.64
C LYS D 103 -20.34 34.80 7.99
N LEU D 104 -21.15 33.92 8.55
CA LEU D 104 -22.51 34.28 8.94
C LEU D 104 -22.54 34.88 10.33
N GLU D 105 -23.44 35.83 10.53
CA GLU D 105 -23.65 36.45 11.83
C GLU D 105 -25.14 36.64 12.06
N ILE D 106 -25.52 36.72 13.32
CA ILE D 106 -26.92 36.89 13.72
C ILE D 106 -27.28 38.36 13.70
N LYS D 107 -28.50 38.66 13.26
CA LYS D 107 -29.03 40.01 13.32
C LYS D 107 -29.36 40.40 14.75
N ARG D 108 -29.32 41.70 15.03
CA ARG D 108 -29.39 42.18 16.40
C ARG D 108 -29.96 43.61 16.41
N ALA D 109 -30.42 44.01 17.59
CA ALA D 109 -30.73 45.42 17.82
C ALA D 109 -29.45 46.19 18.10
N ASP D 110 -29.31 47.35 17.49
CA ASP D 110 -28.06 48.10 17.60
C ASP D 110 -27.78 48.47 19.05
N ALA D 111 -26.51 48.42 19.41
CA ALA D 111 -26.05 48.81 20.73
C ALA D 111 -24.80 49.65 20.58
N ALA D 112 -24.68 50.71 21.36
CA ALA D 112 -23.51 51.56 21.35
C ALA D 112 -22.43 50.99 22.24
N PRO D 113 -21.16 51.31 21.96
CA PRO D 113 -20.07 50.78 22.80
C PRO D 113 -20.11 51.34 24.20
N THR D 114 -19.64 50.54 25.15
CA THR D 114 -19.41 50.99 26.53
C THR D 114 -17.92 51.30 26.67
N VAL D 115 -17.56 52.55 26.41
CA VAL D 115 -16.15 52.93 26.32
C VAL D 115 -15.57 53.16 27.70
N SER D 116 -14.29 52.85 27.84
CA SER D 116 -13.53 53.06 29.06
C SER D 116 -12.09 53.35 28.70
N ILE D 117 -11.39 54.06 29.59
CA ILE D 117 -9.99 54.42 29.37
C ILE D 117 -9.24 54.19 30.68
N PHE D 118 -8.00 53.71 30.57
CA PHE D 118 -7.22 53.36 31.73
C PHE D 118 -5.84 54.01 31.68
N PRO D 119 -5.46 54.78 32.69
CA PRO D 119 -4.11 55.30 32.76
C PRO D 119 -3.13 54.18 33.05
N PRO D 120 -1.85 54.39 32.77
CA PRO D 120 -0.87 53.32 33.03
C PRO D 120 -0.76 53.01 34.50
N SER D 121 -0.43 51.75 34.79
CA SER D 121 -0.25 51.32 36.16
C SER D 121 1.06 51.87 36.72
N SER D 122 1.21 51.78 38.04
CA SER D 122 2.46 52.19 38.66
C SER D 122 3.59 51.21 38.34
N GLU D 123 3.28 49.92 38.25
CA GLU D 123 4.30 48.91 38.04
C GLU D 123 4.95 49.03 36.68
N GLN D 124 4.17 49.35 35.64
CA GLN D 124 4.76 49.57 34.33
C GLN D 124 5.75 50.73 34.38
N LEU D 125 5.40 51.80 35.07
CA LEU D 125 6.33 52.91 35.21
C LEU D 125 7.57 52.49 35.99
N THR D 126 7.40 51.64 37.01
CA THR D 126 8.55 51.10 37.73
C THR D 126 9.44 50.27 36.83
N SER D 127 8.89 49.61 35.82
CA SER D 127 9.68 48.83 34.87
C SER D 127 10.04 49.64 33.63
N GLY D 128 9.78 50.95 33.67
CA GLY D 128 10.25 51.86 32.64
C GLY D 128 9.45 51.93 31.36
N GLY D 129 8.14 51.69 31.41
CA GLY D 129 7.30 51.78 30.23
C GLY D 129 5.94 52.31 30.59
N ALA D 130 5.08 52.45 29.58
CA ALA D 130 3.73 52.92 29.80
C ALA D 130 2.83 52.44 28.67
N SER D 131 1.63 51.98 29.04
CA SER D 131 0.60 51.59 28.08
C SER D 131 -0.73 52.09 28.58
N VAL D 132 -1.43 52.86 27.76
CA VAL D 132 -2.80 53.26 28.04
C VAL D 132 -3.70 52.45 27.14
N VAL D 133 -4.78 51.91 27.72
CA VAL D 133 -5.64 50.99 27.01
C VAL D 133 -7.06 51.54 26.98
N CYS D 134 -7.83 51.07 26.00
CA CYS D 134 -9.19 51.53 25.79
C CYS D 134 -10.05 50.33 25.44
N PHE D 135 -11.15 50.15 26.16
CA PHE D 135 -12.07 49.04 25.93
C PHE D 135 -13.35 49.58 25.32
N LEU D 136 -13.92 48.84 24.37
CA LEU D 136 -15.21 49.19 23.76
C LEU D 136 -16.06 47.92 23.75
N ASN D 137 -16.89 47.74 24.78
CA ASN D 137 -17.58 46.48 24.98
C ASN D 137 -19.02 46.50 24.47
N ASN D 138 -19.43 45.40 23.85
CA ASN D 138 -20.82 45.12 23.51
C ASN D 138 -21.43 46.18 22.61
N PHE D 139 -20.86 46.34 21.42
CA PHE D 139 -21.46 47.19 20.42
C PHE D 139 -21.93 46.35 19.24
N TYR D 140 -22.60 47.00 18.28
CA TYR D 140 -23.16 46.31 17.14
C TYR D 140 -23.59 47.34 16.11
N PRO D 141 -23.31 47.13 14.83
CA PRO D 141 -22.60 46.01 14.20
C PRO D 141 -21.08 46.09 14.41
N LYS D 142 -20.29 45.28 13.71
CA LYS D 142 -18.90 45.10 14.08
C LYS D 142 -18.00 46.23 13.61
N ASP D 143 -18.45 47.07 12.68
CA ASP D 143 -17.60 48.12 12.15
C ASP D 143 -17.43 49.24 13.18
N ILE D 144 -16.19 49.65 13.40
CA ILE D 144 -15.89 50.72 14.35
C ILE D 144 -14.48 51.20 14.10
N ASN D 145 -14.26 52.50 14.30
CA ASN D 145 -12.95 53.11 14.15
C ASN D 145 -12.54 53.74 15.47
N VAL D 146 -11.24 53.75 15.73
CA VAL D 146 -10.69 54.26 16.98
C VAL D 146 -9.54 55.21 16.67
N LYS D 147 -9.53 56.35 17.35
CA LYS D 147 -8.51 57.37 17.16
C LYS D 147 -7.94 57.78 18.51
N TRP D 148 -6.63 57.93 18.56
CA TRP D 148 -5.93 58.33 19.79
C TRP D 148 -5.53 59.79 19.69
N LYS D 149 -5.84 60.55 20.74
CA LYS D 149 -5.53 61.96 20.79
C LYS D 149 -4.67 62.24 22.02
N ILE D 150 -3.57 62.94 21.83
CA ILE D 150 -2.65 63.29 22.91
C ILE D 150 -2.47 64.80 22.91
N ASP D 151 -2.88 65.44 24.01
CA ASP D 151 -2.73 66.89 24.19
C ASP D 151 -3.30 67.66 23.00
N GLY D 152 -4.42 67.17 22.47
CA GLY D 152 -5.04 67.76 21.32
C GLY D 152 -4.42 67.40 20.00
N SER D 153 -3.39 66.55 19.98
CA SER D 153 -2.74 66.17 18.74
C SER D 153 -3.11 64.75 18.36
N GLU D 154 -3.19 64.50 17.05
CA GLU D 154 -3.51 63.18 16.55
C GLU D 154 -2.28 62.28 16.61
N ARG D 155 -2.50 60.98 16.46
CA ARG D 155 -1.42 60.01 16.39
C ARG D 155 -1.88 58.82 15.58
N GLN D 156 -0.93 58.14 14.93
CA GLN D 156 -1.25 56.99 14.11
C GLN D 156 -0.27 55.84 14.27
N ASN D 157 0.67 55.90 15.21
CA ASN D 157 1.66 54.86 15.35
C ASN D 157 1.79 54.48 16.82
N GLY D 158 2.19 53.23 17.06
CA GLY D 158 2.27 52.72 18.41
C GLY D 158 0.96 52.22 18.96
N VAL D 159 0.09 51.67 18.11
CA VAL D 159 -1.25 51.25 18.51
C VAL D 159 -1.46 49.80 18.10
N LEU D 160 -1.98 49.00 19.02
CA LEU D 160 -2.41 47.64 18.76
C LEU D 160 -3.90 47.49 19.05
N ASN D 161 -4.58 46.75 18.17
CA ASN D 161 -6.03 46.54 18.35
C ASN D 161 -6.33 45.04 18.47
N SER D 162 -7.52 44.69 18.94
CA SER D 162 -7.91 43.30 19.13
C SER D 162 -9.44 43.20 19.12
N TRP D 163 -9.99 42.50 18.14
CA TRP D 163 -11.42 42.31 18.04
C TRP D 163 -11.78 40.88 18.39
N THR D 164 -12.89 40.68 19.10
CA THR D 164 -13.37 39.34 19.34
C THR D 164 -14.42 38.95 18.31
N ASP D 165 -14.77 37.67 18.32
CA ASP D 165 -15.83 37.21 17.44
C ASP D 165 -17.18 37.63 18.02
N GLN D 166 -18.25 37.33 17.32
CA GLN D 166 -19.57 37.66 17.82
C GLN D 166 -19.91 36.79 19.02
N ASP D 167 -20.36 37.42 20.10
CA ASP D 167 -20.62 36.71 21.35
C ASP D 167 -21.88 35.87 21.21
N SER D 168 -21.85 34.63 21.70
CA SER D 168 -22.98 33.74 21.50
C SER D 168 -24.20 34.12 22.33
N LYS D 169 -23.99 34.63 23.55
CA LYS D 169 -25.12 34.87 24.43
C LYS D 169 -25.95 36.09 24.04
N ASP D 170 -25.31 37.11 23.46
CA ASP D 170 -26.05 38.32 23.12
C ASP D 170 -25.66 38.92 21.79
N SER D 171 -24.82 38.26 20.99
CA SER D 171 -24.54 38.64 19.61
C SER D 171 -23.88 39.99 19.47
N THR D 172 -23.08 40.42 20.45
CA THR D 172 -22.44 41.72 20.39
C THR D 172 -20.93 41.57 20.22
N TYR D 173 -20.33 42.59 19.62
CA TYR D 173 -18.90 42.63 19.35
C TYR D 173 -18.20 43.51 20.36
N SER D 174 -16.92 43.22 20.60
CA SER D 174 -16.10 43.98 21.52
C SER D 174 -14.72 44.16 20.92
N MET D 175 -14.00 45.17 21.43
CA MET D 175 -12.70 45.54 20.90
C MET D 175 -11.90 46.21 22.00
N SER D 176 -10.57 46.09 21.91
CA SER D 176 -9.66 46.81 22.80
C SER D 176 -8.55 47.43 21.98
N SER D 177 -8.07 48.57 22.45
CA SER D 177 -6.94 49.27 21.83
C SER D 177 -5.89 49.57 22.89
N THR D 178 -4.63 49.41 22.52
CA THR D 178 -3.51 49.64 23.41
C THR D 178 -2.52 50.58 22.75
N LEU D 179 -2.14 51.63 23.44
CA LEU D 179 -1.12 52.57 22.98
C LEU D 179 0.06 52.48 23.93
N THR D 180 1.23 52.13 23.40
CA THR D 180 2.40 51.86 24.20
C THR D 180 3.47 52.91 23.94
N LEU D 181 3.94 53.54 25.02
CA LEU D 181 5.00 54.53 24.97
C LEU D 181 6.08 54.16 25.95
N THR D 182 7.18 54.90 25.88
CA THR D 182 8.19 54.84 26.92
C THR D 182 7.81 55.76 28.07
N LYS D 183 8.45 55.54 29.23
CA LYS D 183 8.08 56.27 30.43
C LYS D 183 8.34 57.76 30.28
N ASP D 184 9.52 58.13 29.78
CA ASP D 184 9.84 59.53 29.59
C ASP D 184 8.91 60.18 28.57
N GLU D 185 8.63 59.49 27.47
CA GLU D 185 7.72 60.04 26.48
C GLU D 185 6.30 60.15 27.04
N TYR D 186 5.89 59.21 27.88
CA TYR D 186 4.57 59.29 28.49
C TYR D 186 4.48 60.49 29.42
N GLU D 187 5.53 60.74 30.20
CA GLU D 187 5.45 61.74 31.26
C GLU D 187 5.49 63.17 30.74
N ARG D 188 5.82 63.39 29.48
CA ARG D 188 5.92 64.75 28.97
C ARG D 188 4.59 65.29 28.45
N HIS D 189 3.48 64.62 28.71
CA HIS D 189 2.19 65.05 28.22
C HIS D 189 1.16 64.89 29.34
N ASN D 190 -0.03 65.48 29.14
CA ASN D 190 -1.03 65.50 30.19
C ASN D 190 -2.39 64.92 29.81
N SER D 191 -2.78 64.98 28.54
CA SER D 191 -4.13 64.56 28.13
C SER D 191 -4.04 63.41 27.14
N TYR D 192 -4.53 62.24 27.55
CA TYR D 192 -4.67 61.09 26.67
C TYR D 192 -6.14 60.71 26.58
N THR D 193 -6.66 60.61 25.36
CA THR D 193 -8.09 60.34 25.15
C THR D 193 -8.31 59.36 24.01
N CYS D 194 -9.44 58.67 24.08
CA CYS D 194 -9.82 57.62 23.15
C CYS D 194 -11.24 57.89 22.66
N GLU D 195 -11.37 58.32 21.41
CA GLU D 195 -12.68 58.63 20.85
C GLU D 195 -12.90 57.78 19.60
N ALA D 196 -14.10 57.24 19.47
CA ALA D 196 -14.33 56.17 18.51
C ALA D 196 -15.75 56.24 17.97
N ARG D 197 -15.89 56.22 16.64
CA ARG D 197 -17.21 56.29 16.02
C ARG D 197 -17.33 55.46 14.75
N GLN E 1 -7.66 -26.92 -22.74
CA GLN E 1 -6.56 -26.98 -21.80
C GLN E 1 -5.23 -26.86 -22.55
N ILE E 2 -4.38 -25.92 -22.15
CA ILE E 2 -3.15 -25.65 -22.88
C ILE E 2 -2.11 -26.71 -22.53
N VAL E 3 -1.51 -27.31 -23.55
CA VAL E 3 -0.51 -28.35 -23.39
C VAL E 3 0.86 -27.77 -23.68
N LEU E 4 1.80 -27.97 -22.76
CA LEU E 4 3.16 -27.47 -22.87
C LEU E 4 4.09 -28.64 -23.19
N THR E 5 4.93 -28.48 -24.20
CA THR E 5 5.74 -29.59 -24.71
C THR E 5 7.22 -29.22 -24.60
N GLN E 6 7.99 -30.09 -23.97
CA GLN E 6 9.43 -29.91 -23.83
C GLN E 6 10.16 -30.97 -24.62
N SER E 7 11.13 -30.56 -25.43
CA SER E 7 11.87 -31.48 -26.27
C SER E 7 13.35 -31.13 -26.28
N PRO E 8 14.22 -32.13 -26.14
CA PRO E 8 13.94 -33.54 -25.84
C PRO E 8 13.85 -33.80 -24.35
N ALA E 9 13.40 -34.97 -23.92
CA ALA E 9 13.25 -35.23 -22.51
C ALA E 9 14.57 -35.36 -21.78
N ILE E 10 15.67 -35.54 -22.49
CA ILE E 10 16.99 -35.67 -21.89
C ILE E 10 17.99 -34.91 -22.73
N MET E 11 18.93 -34.24 -22.08
CA MET E 11 19.83 -33.29 -22.71
C MET E 11 21.14 -33.29 -21.95
N SER E 12 22.24 -33.06 -22.63
CA SER E 12 23.56 -33.19 -22.00
C SER E 12 24.44 -32.00 -22.38
N ALA E 13 25.34 -31.65 -21.46
CA ALA E 13 26.18 -30.46 -21.62
C ALA E 13 27.42 -30.57 -20.77
N SER E 14 28.57 -30.27 -21.34
CA SER E 14 29.82 -30.33 -20.59
C SER E 14 30.01 -29.07 -19.77
N LEU E 15 30.92 -29.14 -18.80
CA LEU E 15 31.11 -28.01 -17.90
C LEU E 15 31.62 -26.79 -18.65
N GLY E 16 31.07 -25.62 -18.32
CA GLY E 16 31.45 -24.38 -18.93
C GLY E 16 30.72 -24.06 -20.23
N GLU E 17 30.02 -25.01 -20.82
CA GLU E 17 29.34 -24.77 -22.09
C GLU E 17 28.04 -24.01 -21.89
N GLU E 18 27.48 -23.54 -22.99
CA GLU E 18 26.20 -22.86 -22.98
C GLU E 18 25.14 -23.73 -23.64
N ILE E 19 24.02 -23.91 -22.96
CA ILE E 19 23.00 -24.85 -23.41
C ILE E 19 21.63 -24.22 -23.20
N THR E 20 20.71 -24.51 -24.13
CA THR E 20 19.42 -23.84 -24.19
C THR E 20 18.29 -24.87 -24.20
N LEU E 21 17.48 -24.87 -23.14
CA LEU E 21 16.31 -25.72 -23.05
C LEU E 21 15.10 -25.02 -23.66
N THR E 22 14.15 -25.80 -24.13
CA THR E 22 13.06 -25.31 -24.96
C THR E 22 11.73 -25.84 -24.46
N CYS E 23 10.69 -25.00 -24.51
CA CYS E 23 9.34 -25.40 -24.14
C CYS E 23 8.38 -24.71 -25.10
N SER E 24 7.57 -25.50 -25.82
CA SER E 24 6.59 -25.00 -26.76
C SER E 24 5.18 -25.29 -26.27
N ALA E 25 4.22 -24.46 -26.68
CA ALA E 25 2.86 -24.52 -26.19
C ALA E 25 1.84 -24.69 -27.31
N SER E 26 0.69 -25.25 -26.97
CA SER E 26 -0.33 -25.47 -27.99
C SER E 26 -0.95 -24.16 -28.46
N SER E 27 -1.21 -23.23 -27.55
CA SER E 27 -1.82 -21.95 -27.89
C SER E 27 -1.00 -20.83 -27.29
N SER E 28 -1.26 -19.61 -27.74
CA SER E 28 -0.47 -18.47 -27.32
C SER E 28 -0.73 -18.13 -25.86
N ILE E 29 0.34 -17.79 -25.14
CA ILE E 29 0.28 -17.35 -23.76
C ILE E 29 1.21 -16.16 -23.59
N SER E 30 0.97 -15.39 -22.53
CA SER E 30 1.67 -14.12 -22.36
C SER E 30 2.98 -14.26 -21.60
N TYR E 31 3.14 -15.28 -20.78
CA TYR E 31 4.36 -15.46 -20.02
C TYR E 31 4.70 -16.94 -19.94
N MET E 32 5.95 -17.21 -19.56
CA MET E 32 6.42 -18.54 -19.25
C MET E 32 7.25 -18.48 -17.96
N HIS E 33 7.06 -19.45 -17.09
CA HIS E 33 7.79 -19.54 -15.82
C HIS E 33 8.52 -20.87 -15.75
N TRP E 34 9.67 -20.89 -15.09
CA TRP E 34 10.57 -22.03 -15.08
C TRP E 34 10.82 -22.49 -13.65
N TYR E 35 10.73 -23.78 -13.40
CA TYR E 35 10.99 -24.34 -12.09
C TYR E 35 12.10 -25.38 -12.18
N GLN E 36 12.94 -25.43 -11.14
CA GLN E 36 14.04 -26.37 -11.05
C GLN E 36 13.81 -27.35 -9.89
N GLN E 37 13.97 -28.64 -10.15
CA GLN E 37 13.82 -29.65 -9.11
C GLN E 37 15.06 -30.55 -9.10
N LYS E 38 15.96 -30.31 -8.15
CA LYS E 38 17.08 -31.21 -7.94
C LYS E 38 16.60 -32.51 -7.33
N SER E 39 17.44 -33.53 -7.41
CA SER E 39 17.02 -34.87 -6.99
C SER E 39 16.79 -34.91 -5.49
N GLY E 40 15.64 -35.47 -5.09
CA GLY E 40 15.25 -35.56 -3.71
C GLY E 40 15.01 -34.21 -3.07
N THR E 41 14.28 -33.34 -3.77
CA THR E 41 14.02 -32.00 -3.30
C THR E 41 12.79 -31.48 -4.02
N SER E 42 12.07 -30.57 -3.38
CA SER E 42 10.86 -30.02 -3.99
C SER E 42 11.25 -29.12 -5.15
N PRO E 43 10.31 -28.82 -6.04
CA PRO E 43 10.59 -27.87 -7.11
C PRO E 43 10.86 -26.47 -6.57
N LYS E 44 11.60 -25.70 -7.36
CA LYS E 44 12.01 -24.37 -6.96
C LYS E 44 11.86 -23.42 -8.13
N ILE E 45 11.39 -22.20 -7.87
CA ILE E 45 11.22 -21.21 -8.92
C ILE E 45 12.59 -20.72 -9.40
N LEU E 46 12.72 -20.54 -10.70
CA LEU E 46 14.00 -20.14 -11.27
C LEU E 46 13.88 -18.90 -12.14
N ILE E 47 12.84 -18.82 -12.96
CA ILE E 47 12.57 -17.68 -13.82
C ILE E 47 11.08 -17.39 -13.74
N TYR E 48 10.72 -16.11 -13.62
CA TYR E 48 9.32 -15.72 -13.63
C TYR E 48 9.07 -14.63 -14.67
N SER E 49 7.90 -14.67 -15.29
CA SER E 49 7.49 -13.69 -16.29
C SER E 49 8.49 -13.61 -17.44
N THR E 50 9.00 -14.79 -17.81
CA THR E 50 9.72 -15.03 -19.06
C THR E 50 11.13 -14.45 -19.09
N SER E 51 11.47 -13.56 -18.17
CA SER E 51 12.80 -12.97 -18.23
C SER E 51 13.47 -12.67 -16.90
N ASN E 52 12.80 -12.87 -15.78
CA ASN E 52 13.27 -12.35 -14.52
C ASN E 52 13.79 -13.47 -13.63
N GLN E 53 15.04 -13.37 -13.23
CA GLN E 53 15.59 -14.28 -12.24
C GLN E 53 14.88 -14.06 -10.91
N ALA E 54 14.58 -15.14 -10.22
CA ALA E 54 13.93 -15.01 -8.92
C ALA E 54 14.94 -14.48 -7.91
N SER E 55 14.52 -14.46 -6.65
CA SER E 55 15.42 -14.01 -5.60
C SER E 55 16.53 -15.02 -5.38
N GLY E 56 17.77 -14.55 -5.49
CA GLY E 56 18.92 -15.39 -5.20
C GLY E 56 19.35 -16.32 -6.31
N VAL E 57 18.69 -16.29 -7.45
CA VAL E 57 19.10 -17.15 -8.57
C VAL E 57 20.31 -16.53 -9.25
N PRO E 58 21.39 -17.28 -9.48
CA PRO E 58 22.58 -16.71 -10.09
C PRO E 58 22.30 -16.23 -11.51
N SER E 59 23.05 -15.21 -11.93
CA SER E 59 22.74 -14.50 -13.16
C SER E 59 23.01 -15.30 -14.41
N ARG E 60 23.60 -16.49 -14.30
CA ARG E 60 23.86 -17.29 -15.50
C ARG E 60 22.62 -17.99 -16.04
N PHE E 61 21.47 -17.79 -15.43
CA PHE E 61 20.20 -18.29 -15.95
C PHE E 61 19.44 -17.14 -16.59
N SER E 62 18.92 -17.35 -17.79
CA SER E 62 18.17 -16.34 -18.50
C SER E 62 17.02 -17.00 -19.26
N GLY E 63 16.03 -16.19 -19.61
CA GLY E 63 14.86 -16.69 -20.30
C GLY E 63 14.46 -15.76 -21.41
N SER E 64 13.84 -16.34 -22.44
CA SER E 64 13.39 -15.58 -23.59
C SER E 64 12.32 -16.38 -24.32
N GLY E 65 11.59 -15.69 -25.17
CA GLY E 65 10.53 -16.32 -25.95
C GLY E 65 9.35 -15.40 -26.09
N SER E 66 8.38 -15.83 -26.90
CA SER E 66 7.13 -15.13 -27.06
C SER E 66 6.12 -16.06 -27.71
N GLY E 67 4.85 -15.68 -27.61
CA GLY E 67 3.78 -16.40 -28.27
C GLY E 67 3.64 -17.85 -27.87
N THR E 68 4.01 -18.75 -28.77
CA THR E 68 3.89 -20.18 -28.58
C THR E 68 5.23 -20.87 -28.34
N PHE E 69 6.30 -20.11 -28.18
CA PHE E 69 7.64 -20.69 -28.13
C PHE E 69 8.49 -19.90 -27.14
N TYR E 70 9.06 -20.61 -26.17
CA TYR E 70 9.90 -20.02 -25.15
C TYR E 70 11.15 -20.86 -24.99
N SER E 71 12.14 -20.33 -24.28
CA SER E 71 13.35 -21.09 -24.03
C SER E 71 14.04 -20.59 -22.78
N LEU E 72 14.82 -21.49 -22.17
CA LEU E 72 15.59 -21.24 -20.97
C LEU E 72 17.04 -21.50 -21.29
N THR E 73 17.92 -20.60 -20.88
CA THR E 73 19.33 -20.69 -21.22
C THR E 73 20.20 -20.71 -19.97
N ILE E 74 21.12 -21.67 -19.92
CA ILE E 74 22.14 -21.74 -18.90
C ILE E 74 23.47 -21.43 -19.59
N SER E 75 24.07 -20.29 -19.25
CA SER E 75 25.21 -19.79 -20.00
C SER E 75 26.45 -20.66 -19.82
N SER E 76 26.69 -21.16 -18.62
CA SER E 76 27.90 -21.91 -18.32
C SER E 76 27.51 -22.97 -17.30
N VAL E 77 27.75 -24.25 -17.62
CA VAL E 77 27.17 -25.32 -16.83
C VAL E 77 28.10 -25.69 -15.69
N GLU E 78 27.59 -25.58 -14.46
CA GLU E 78 28.27 -26.07 -13.28
C GLU E 78 27.73 -27.44 -12.92
N ALA E 79 28.48 -28.16 -12.09
CA ALA E 79 28.13 -29.55 -11.81
C ALA E 79 26.88 -29.67 -10.97
N GLU E 80 26.45 -28.59 -10.33
CA GLU E 80 25.23 -28.63 -9.52
C GLU E 80 23.98 -28.35 -10.34
N ASP E 81 24.11 -28.12 -11.64
CA ASP E 81 22.97 -27.86 -12.49
C ASP E 81 22.36 -29.12 -13.07
N ALA E 82 22.78 -30.29 -12.60
CA ALA E 82 22.13 -31.53 -13.02
C ALA E 82 20.81 -31.70 -12.30
N ALA E 83 19.70 -31.43 -12.98
CA ALA E 83 18.39 -31.48 -12.36
C ALA E 83 17.34 -31.60 -13.45
N ASP E 84 16.09 -31.63 -13.03
CA ASP E 84 14.93 -31.61 -13.92
C ASP E 84 14.39 -30.20 -13.97
N TYR E 85 14.11 -29.72 -15.18
CA TYR E 85 13.58 -28.38 -15.39
C TYR E 85 12.19 -28.46 -16.00
N TYR E 86 11.27 -27.65 -15.49
CA TYR E 86 9.87 -27.67 -15.87
C TYR E 86 9.44 -26.29 -16.33
N CYS E 87 8.52 -26.24 -17.29
CA CYS E 87 7.92 -24.98 -17.68
C CYS E 87 6.47 -24.92 -17.19
N HIS E 88 6.00 -23.71 -16.90
CA HIS E 88 4.71 -23.55 -16.27
C HIS E 88 4.06 -22.27 -16.77
N GLN E 89 2.75 -22.32 -16.97
CA GLN E 89 1.94 -21.17 -17.35
C GLN E 89 0.74 -21.04 -16.43
N TRP E 90 0.41 -19.81 -16.03
CA TRP E 90 -0.88 -19.52 -15.45
C TRP E 90 -1.72 -18.57 -16.30
N SER E 91 -1.29 -18.31 -17.53
CA SER E 91 -1.98 -17.35 -18.39
C SER E 91 -3.35 -17.84 -18.81
N SER E 92 -3.60 -19.13 -18.73
CA SER E 92 -4.91 -19.69 -19.06
C SER E 92 -5.28 -20.69 -18.00
N TYR E 93 -6.57 -20.79 -17.72
CA TYR E 93 -7.06 -21.72 -16.72
C TYR E 93 -7.51 -23.02 -17.37
N PRO E 94 -7.14 -24.19 -16.83
CA PRO E 94 -6.33 -24.44 -15.65
C PRO E 94 -4.84 -24.33 -15.92
N TRP E 95 -4.05 -24.13 -14.87
CA TRP E 95 -2.62 -23.92 -15.03
C TRP E 95 -1.90 -25.25 -15.20
N THR E 96 -0.99 -25.31 -16.17
CA THR E 96 -0.36 -26.56 -16.55
C THR E 96 1.15 -26.44 -16.45
N PHE E 97 1.80 -27.60 -16.30
CA PHE E 97 3.25 -27.72 -16.25
C PHE E 97 3.73 -28.46 -17.49
N GLY E 98 5.01 -28.33 -17.79
CA GLY E 98 5.59 -29.11 -18.86
C GLY E 98 5.94 -30.53 -18.43
N GLY E 99 6.36 -31.33 -19.40
CA GLY E 99 6.71 -32.70 -19.10
C GLY E 99 8.03 -32.87 -18.38
N GLY E 100 8.94 -31.92 -18.53
CA GLY E 100 10.24 -31.96 -17.91
C GLY E 100 11.36 -32.25 -18.90
N THR E 101 12.55 -31.74 -18.59
CA THR E 101 13.76 -32.00 -19.35
C THR E 101 14.89 -32.24 -18.36
N LYS E 102 15.48 -33.42 -18.42
CA LYS E 102 16.58 -33.76 -17.52
C LYS E 102 17.90 -33.28 -18.12
N LEU E 103 18.73 -32.65 -17.28
CA LEU E 103 20.04 -32.19 -17.72
C LEU E 103 21.11 -33.09 -17.14
N GLU E 104 22.01 -33.54 -18.02
CA GLU E 104 23.10 -34.43 -17.66
C GLU E 104 24.42 -33.75 -17.94
N ILE E 105 25.40 -33.95 -17.07
CA ILE E 105 26.71 -33.32 -17.23
C ILE E 105 27.65 -34.33 -17.90
N LYS E 106 28.35 -33.87 -18.93
CA LYS E 106 29.40 -34.66 -19.55
C LYS E 106 30.73 -34.36 -18.86
N ARG E 107 31.44 -35.39 -18.44
CA ARG E 107 32.79 -35.24 -17.94
C ARG E 107 33.69 -36.30 -18.56
N ALA E 108 34.89 -36.43 -18.00
CA ALA E 108 35.82 -37.45 -18.48
C ALA E 108 35.44 -38.82 -17.95
N ASP E 109 35.76 -39.84 -18.73
CA ASP E 109 35.44 -41.21 -18.34
C ASP E 109 36.21 -41.63 -17.11
N ALA E 110 35.62 -42.54 -16.34
CA ALA E 110 36.25 -43.06 -15.12
C ALA E 110 35.90 -44.53 -14.97
N ALA E 111 36.85 -45.31 -14.49
CA ALA E 111 36.66 -46.72 -14.25
C ALA E 111 35.89 -46.96 -12.96
N PRO E 112 35.05 -48.00 -12.91
CA PRO E 112 34.31 -48.29 -11.67
C PRO E 112 35.21 -48.94 -10.63
N THR E 113 34.97 -48.59 -9.37
CA THR E 113 35.72 -49.15 -8.24
C THR E 113 34.91 -50.30 -7.66
N VAL E 114 35.26 -51.52 -8.04
CA VAL E 114 34.39 -52.66 -7.79
C VAL E 114 34.56 -53.16 -6.37
N SER E 115 33.50 -53.79 -5.86
CA SER E 115 33.48 -54.50 -4.59
C SER E 115 32.58 -55.71 -4.73
N ILE E 116 32.77 -56.69 -3.85
CA ILE E 116 31.87 -57.83 -3.78
C ILE E 116 31.69 -58.21 -2.32
N PHE E 117 30.55 -58.80 -2.00
CA PHE E 117 30.27 -59.23 -0.64
C PHE E 117 29.62 -60.61 -0.62
N PRO E 118 30.19 -61.57 0.09
CA PRO E 118 29.54 -62.86 0.27
C PRO E 118 28.39 -62.72 1.25
N PRO E 119 27.44 -63.64 1.25
CA PRO E 119 26.32 -63.56 2.20
C PRO E 119 26.84 -63.60 3.64
N SER E 120 26.29 -62.73 4.48
CA SER E 120 26.66 -62.73 5.87
C SER E 120 25.90 -63.84 6.60
N SER E 121 26.29 -64.08 7.85
CA SER E 121 25.72 -65.20 8.60
C SER E 121 24.25 -64.97 8.92
N GLU E 122 23.84 -63.71 9.04
CA GLU E 122 22.47 -63.43 9.46
C GLU E 122 21.45 -64.02 8.49
N GLN E 123 21.64 -63.81 7.19
CA GLN E 123 20.71 -64.38 6.22
C GLN E 123 20.95 -65.86 6.06
N LEU E 124 22.18 -66.31 6.29
CA LEU E 124 22.49 -67.74 6.24
C LEU E 124 21.70 -68.51 7.29
N THR E 125 21.42 -67.87 8.43
CA THR E 125 20.62 -68.52 9.47
C THR E 125 19.21 -68.83 8.99
N SER E 126 18.60 -67.94 8.21
CA SER E 126 17.26 -68.15 7.70
C SER E 126 17.21 -69.11 6.52
N GLY E 127 18.37 -69.52 5.99
CA GLY E 127 18.42 -70.47 4.89
C GLY E 127 18.55 -69.87 3.52
N GLY E 128 18.27 -68.57 3.36
CA GLY E 128 18.46 -67.90 2.10
C GLY E 128 19.78 -67.15 2.05
N ALA E 129 20.18 -66.78 0.83
CA ALA E 129 21.45 -66.07 0.66
C ALA E 129 21.33 -65.05 -0.45
N SER E 130 22.10 -63.97 -0.32
CA SER E 130 22.17 -62.97 -1.36
C SER E 130 23.59 -62.45 -1.43
N VAL E 131 24.14 -62.44 -2.64
CA VAL E 131 25.48 -61.94 -2.90
C VAL E 131 25.36 -60.60 -3.59
N VAL E 132 26.13 -59.62 -3.10
CA VAL E 132 26.01 -58.23 -3.51
C VAL E 132 27.34 -57.76 -4.08
N CYS E 133 27.28 -57.11 -5.23
CA CYS E 133 28.44 -56.50 -5.87
C CYS E 133 28.15 -55.02 -6.08
N PHE E 134 29.10 -54.17 -5.73
CA PHE E 134 28.99 -52.73 -5.92
C PHE E 134 29.84 -52.29 -7.09
N LEU E 135 29.53 -51.11 -7.62
CA LEU E 135 30.34 -50.44 -8.65
C LEU E 135 30.19 -48.95 -8.37
N ASN E 136 31.19 -48.36 -7.73
CA ASN E 136 31.05 -46.97 -7.33
C ASN E 136 31.84 -46.03 -8.23
N ASN E 137 31.27 -44.84 -8.42
CA ASN E 137 31.98 -43.67 -8.91
C ASN E 137 32.55 -43.90 -10.32
N PHE E 138 31.65 -44.09 -11.27
CA PHE E 138 32.02 -44.30 -12.66
C PHE E 138 31.19 -43.42 -13.59
N TYR E 139 31.76 -43.15 -14.77
CA TYR E 139 31.12 -42.44 -15.85
C TYR E 139 31.43 -43.17 -17.15
N PRO E 140 30.49 -43.22 -18.11
CA PRO E 140 29.11 -42.76 -18.06
C PRO E 140 28.11 -43.81 -17.58
N LYS E 141 26.81 -43.55 -17.75
CA LYS E 141 25.79 -44.31 -17.05
C LYS E 141 25.75 -45.77 -17.50
N ASP E 142 25.88 -46.02 -18.79
CA ASP E 142 25.66 -47.35 -19.35
C ASP E 142 26.79 -48.28 -18.96
N ILE E 143 26.45 -49.43 -18.38
CA ILE E 143 27.42 -50.45 -17.99
C ILE E 143 26.68 -51.76 -17.81
N ASN E 144 27.36 -52.86 -18.13
CA ASN E 144 26.76 -54.19 -18.07
C ASN E 144 27.54 -55.07 -17.10
N VAL E 145 26.83 -55.77 -16.23
CA VAL E 145 27.41 -56.58 -15.16
C VAL E 145 26.97 -58.03 -15.32
N LYS E 146 27.92 -58.96 -15.21
CA LYS E 146 27.67 -60.38 -15.33
C LYS E 146 28.18 -61.11 -14.09
N TRP E 147 27.56 -62.25 -13.80
CA TRP E 147 27.90 -63.07 -12.65
C TRP E 147 28.42 -64.42 -13.10
N LYS E 148 29.31 -65.01 -12.31
CA LYS E 148 29.82 -66.36 -12.55
C LYS E 148 29.92 -67.13 -11.24
N ILE E 149 29.36 -68.33 -11.23
CA ILE E 149 29.32 -69.19 -10.05
C ILE E 149 30.08 -70.47 -10.37
N ASP E 150 31.13 -70.74 -9.58
CA ASP E 150 31.93 -71.96 -9.73
C ASP E 150 32.40 -72.14 -11.17
N GLY E 151 32.75 -71.04 -11.83
CA GLY E 151 33.17 -71.08 -13.21
C GLY E 151 32.05 -71.18 -14.22
N SER E 152 30.79 -71.02 -13.81
CA SER E 152 29.67 -71.09 -14.72
C SER E 152 28.81 -69.83 -14.58
N GLU E 153 28.34 -69.34 -15.72
CA GLU E 153 27.55 -68.12 -15.74
C GLU E 153 26.13 -68.38 -15.24
N ARG E 154 25.58 -67.42 -14.49
CA ARG E 154 24.20 -67.45 -14.03
C ARG E 154 23.41 -66.39 -14.78
N GLN E 155 22.23 -66.76 -15.28
CA GLN E 155 21.46 -65.88 -16.13
C GLN E 155 20.12 -65.48 -15.52
N ASN E 156 19.91 -65.70 -14.23
CA ASN E 156 18.66 -65.36 -13.57
C ASN E 156 18.95 -64.90 -12.15
N GLY E 157 17.99 -64.17 -11.58
CA GLY E 157 18.09 -63.70 -10.21
C GLY E 157 18.90 -62.44 -10.01
N VAL E 158 19.36 -61.80 -11.08
CA VAL E 158 20.20 -60.62 -10.97
C VAL E 158 19.35 -59.36 -11.11
N LEU E 159 19.54 -58.42 -10.19
CA LEU E 159 18.83 -57.15 -10.20
C LEU E 159 19.81 -56.02 -10.01
N ASN E 160 19.62 -54.93 -10.75
CA ASN E 160 20.62 -53.87 -10.78
C ASN E 160 19.95 -52.52 -10.55
N SER E 161 20.68 -51.61 -9.91
CA SER E 161 20.14 -50.33 -9.47
C SER E 161 21.19 -49.25 -9.69
N TRP E 162 20.77 -48.13 -10.25
CA TRP E 162 21.65 -47.00 -10.53
C TRP E 162 21.27 -45.82 -9.65
N THR E 163 22.26 -45.15 -9.08
CA THR E 163 21.98 -43.91 -8.38
C THR E 163 21.79 -42.79 -9.39
N ASP E 164 21.44 -41.61 -8.89
CA ASP E 164 21.37 -40.46 -9.77
C ASP E 164 22.78 -39.89 -9.97
N GLN E 165 22.92 -39.08 -11.02
CA GLN E 165 24.19 -38.43 -11.27
C GLN E 165 24.56 -37.53 -10.10
N ASP E 166 25.81 -37.64 -9.65
CA ASP E 166 26.24 -36.90 -8.47
C ASP E 166 26.33 -35.41 -8.77
N SER E 167 26.00 -34.59 -7.79
CA SER E 167 26.10 -33.13 -7.94
C SER E 167 27.47 -32.59 -7.59
N LYS E 168 28.41 -33.44 -7.18
CA LYS E 168 29.76 -33.01 -6.87
C LYS E 168 30.77 -33.47 -7.92
N ASP E 169 30.89 -34.77 -8.15
CA ASP E 169 31.88 -35.27 -9.10
C ASP E 169 31.27 -35.78 -10.39
N SER E 170 29.96 -35.65 -10.57
CA SER E 170 29.27 -35.96 -11.82
C SER E 170 29.45 -37.42 -12.24
N THR E 171 29.53 -38.33 -11.29
CA THR E 171 29.63 -39.75 -11.62
C THR E 171 28.38 -40.50 -11.24
N TYR E 172 28.33 -41.76 -11.66
CA TYR E 172 27.26 -42.69 -11.33
C TYR E 172 27.79 -43.75 -10.37
N SER E 173 26.86 -44.56 -9.86
CA SER E 173 27.21 -45.73 -9.06
C SER E 173 26.12 -46.76 -9.26
N MET E 174 26.48 -48.02 -9.08
CA MET E 174 25.55 -49.11 -9.36
C MET E 174 25.72 -50.21 -8.34
N SER E 175 24.61 -50.81 -7.94
CA SER E 175 24.60 -51.96 -7.06
C SER E 175 23.92 -53.13 -7.75
N SER E 176 24.61 -54.26 -7.83
CA SER E 176 24.07 -55.48 -8.41
C SER E 176 23.99 -56.54 -7.35
N THR E 177 22.90 -57.31 -7.38
CA THR E 177 22.64 -58.31 -6.36
C THR E 177 22.18 -59.60 -7.02
N LEU E 178 22.35 -60.70 -6.30
CA LEU E 178 21.86 -62.01 -6.71
C LEU E 178 21.36 -62.76 -5.48
N THR E 179 20.14 -63.25 -5.55
CA THR E 179 19.51 -63.92 -4.42
C THR E 179 19.37 -65.41 -4.70
N LEU E 180 19.81 -66.24 -3.76
CA LEU E 180 19.85 -67.68 -3.95
C LEU E 180 19.41 -68.37 -2.66
N THR E 181 18.97 -69.62 -2.80
CA THR E 181 18.66 -70.45 -1.65
C THR E 181 19.94 -71.06 -1.09
N LYS E 182 19.79 -72.02 -0.19
CA LYS E 182 20.96 -72.69 0.37
C LYS E 182 21.44 -73.80 -0.56
C1 MMA F . -3.41 20.55 -34.41
C2 MMA F . -4.73 20.05 -33.90
C3 MMA F . -5.11 20.78 -32.69
C4 MMA F . -4.12 20.49 -31.63
C5 MMA F . -2.76 21.01 -32.04
C6 MMA F . -1.73 20.56 -31.06
C7 MMA F . -2.36 22.48 -35.20
O1 MMA F . -3.56 21.84 -34.83
O2 MMA F . -4.57 18.67 -33.52
O3 MMA F . -6.39 20.31 -32.20
O4 MMA F . -4.55 21.14 -30.44
O5 MMA F . -2.33 20.50 -33.36
O6 MMA F . -2.10 20.99 -29.78
#